data_7FJP
#
_entry.id   7FJP
#
loop_
_entity.id
_entity.type
_entity.pdbx_description
1 polymer 'Polyamine-transporting ATPase 13A2'
2 non-polymer 'PHOSPHATE ION'
3 non-polymer "ADENOSINE-5'-DIPHOSPHATE"
4 non-polymer 'MAGNESIUM ION'
#
_entity_poly.entity_id   1
_entity_poly.type   'polypeptide(L)'
_entity_poly.pdbx_seq_one_letter_code
;MSADSSPLVGSTPTGYGTLTIGTSIDPLSSSVSSVRLSGYCGSPWRVIGYHVVVWMMAGIPLLLFRWKPLWGVRLRLRPC
NLAHAETLVIEIRDKEDSSWQLFTVQVQTEAIGEGSLEPSPQSQAEDGRSQAAVGAVPEGAWKDTALHKSEEAVSVGQKR
VLRYYLFQGQRYIWIETQQAFYQVSLLDHGRSCDDVHRSRHGLSLQDQMVRKAIYGPNVISIPVKSYPQLLVDEALNPYY
GFQAFSIALWLADHYYWYALCIFLISSISICLSLYKTRKQSQTLRDMVKLSMRVCVCRPGGEEEWVDSSELVPGDCLVLP
QEGGLMPCDAALVAGECMVNESSLTGESIPVLKTALPEGLGPYCAETHRRHTLFCGTLILQARAYVGPHVLAVVTRTGFC
TAKGGLVSSILHPRPINFKFYKHSMKFVAALSVLALLGTIYSIFILYRNRVPLNEIVIRALDLVTVVVPPALPAAMTVCT
LYAQSRLRRQGIFCIHPLRINLGGKLQLVCFDKTGTLTEDGLDVMGVVPLKGQAFLPLVPEPRRLPVGPLLRALATCHAL
SRLQDTPVGDPMDLKMVESTGPQLQAMEEPPVPVSVLHRFPFSSALQRMSVVVAWPGATQPEAYVKGSPELVAGLCNPET
VPTDFAQMLQSYTAAGYRVVALASKPLPTVPSLEAAQQLTRDTVEGDLSLLGLLVMRNLLKPQTTPVIQALRRTRIRAVM
VTGDNLQTAVTVARGCGMVAPQEHLIIVHATGQPASLEFLPMESPTAVNGVKDPDQAASYTVEPDPRSRHLALSGPTFGI
IVKHFPKLLPKVLVQGTVFARMAPEQKTELVCELQKLQYCVGMCGDGANDCGALKAADVGISLSQAEASVVSPFTSSMAS
IECVPMVIREGRCSLDTSFSVFKYMALYSLTQFISVLILYTINTNLGDLQFLAIDLVITTTVAVLMSRTGPALVLGRVRP
PGALLSVPVLSSLLLQMVLVTGVQLGGYFLTLAQPWFVPLNRTVAAPDNLPNYENTVVFSLSSFQYLILAAAVSKGAPFR
RPLYTNVPFLVALALLSSVLVGLVLVPGLLQGPLALRNITDTGFKLLLLGLVTLNFVGAFMLESVLDQCLPACLRRLRPK
RASKKRFKQLERELAEQPWPPLPAGPLR
;
_entity_poly.pdbx_strand_id   B
#
# COMPACT_ATOMS: atom_id res chain seq x y z
N ILE A 60 -19.34 39.56 -14.45
CA ILE A 60 -18.02 39.15 -14.93
C ILE A 60 -17.05 40.32 -14.91
N PRO A 61 -16.22 40.42 -15.95
CA PRO A 61 -15.21 41.46 -16.15
C PRO A 61 -14.22 41.54 -14.99
N LEU A 62 -13.94 40.41 -14.36
CA LEU A 62 -12.95 40.33 -13.29
C LEU A 62 -11.91 39.25 -13.55
N LEU A 63 -11.84 38.77 -14.79
CA LEU A 63 -10.91 37.71 -15.15
C LEU A 63 -9.51 38.28 -15.33
N LEU A 64 -8.50 37.59 -14.78
CA LEU A 64 -7.12 38.00 -14.89
C LEU A 64 -6.37 37.29 -16.00
N PHE A 65 -7.06 36.96 -17.10
CA PHE A 65 -6.42 36.24 -18.21
C PHE A 65 -5.47 37.13 -18.99
N ARG A 66 -5.65 38.45 -18.95
CA ARG A 66 -4.70 39.34 -19.62
C ARG A 66 -3.38 39.44 -18.87
N TRP A 67 -3.40 39.19 -17.56
CA TRP A 67 -2.18 39.16 -16.77
C TRP A 67 -1.61 37.76 -16.60
N LYS A 68 -2.30 36.74 -17.11
CA LYS A 68 -1.80 35.37 -17.07
C LYS A 68 -1.11 34.96 -18.36
N PRO A 69 -1.20 35.76 -19.41
CA PRO A 69 -0.49 35.51 -20.66
C PRO A 69 0.85 36.23 -20.72
N LEU A 70 1.26 36.89 -19.63
CA LEU A 70 2.53 37.59 -19.56
C LEU A 70 3.42 37.02 -18.46
N TRP A 71 3.30 35.73 -18.17
CA TRP A 71 4.09 35.10 -17.12
C TRP A 71 4.34 33.63 -17.44
N GLY A 113 0.38 29.20 -10.28
CA GLY A 113 -0.32 28.54 -9.20
C GLY A 113 0.63 28.24 -8.04
N GLU A 114 1.46 29.22 -7.69
CA GLU A 114 2.36 29.07 -6.55
C GLU A 114 1.60 29.23 -5.24
N GLY A 115 0.79 30.29 -5.13
CA GLY A 115 -0.12 30.48 -4.01
C GLY A 115 -1.53 30.49 -4.56
N SER A 116 -2.32 29.47 -4.18
CA SER A 116 -3.68 29.35 -4.71
C SER A 116 -4.64 30.35 -4.11
N LEU A 117 -4.37 30.84 -2.90
CA LEU A 117 -5.25 31.81 -2.27
C LEU A 117 -5.05 33.21 -2.82
N GLU A 118 -3.82 33.57 -3.21
CA GLU A 118 -3.54 34.88 -3.75
C GLU A 118 -3.90 35.02 -5.22
N PRO A 119 -4.33 33.93 -5.86
CA PRO A 119 -4.71 33.95 -7.28
C PRO A 119 -6.20 33.80 -7.49
N SER A 120 -6.88 32.97 -6.69
CA SER A 120 -8.31 32.81 -6.83
C SER A 120 -9.07 34.00 -6.27
N PRO A 121 -8.49 34.71 -5.31
CA PRO A 121 -9.14 35.88 -4.73
C PRO A 121 -9.16 37.06 -5.68
N GLN A 122 -8.29 37.07 -6.70
CA GLN A 122 -8.30 38.12 -7.72
C GLN A 122 -9.06 37.72 -8.97
N SER A 123 -9.06 36.43 -9.32
CA SER A 123 -9.80 35.97 -10.48
C SER A 123 -11.31 35.89 -10.22
N GLN A 124 -11.72 35.90 -8.95
CA GLN A 124 -13.13 35.89 -8.59
C GLN A 124 -13.31 36.74 -7.34
N ALA A 125 -14.48 37.37 -7.23
CA ALA A 125 -14.73 38.28 -6.13
C ALA A 125 -14.98 37.52 -4.83
N GLU A 126 -14.44 38.05 -3.73
CA GLU A 126 -14.61 37.44 -2.42
C GLU A 126 -16.03 37.70 -1.92
N ASP A 127 -16.97 36.86 -2.36
CA ASP A 127 -18.39 37.06 -2.10
C ASP A 127 -18.90 36.03 -1.11
N GLY A 128 -19.69 36.51 -0.14
CA GLY A 128 -20.39 35.65 0.81
C GLY A 128 -21.70 35.19 0.19
N ARG A 129 -22.62 34.70 1.03
CA ARG A 129 -23.97 34.26 0.65
C ARG A 129 -23.92 33.11 -0.36
N SER A 130 -23.45 31.96 0.15
CA SER A 130 -23.26 30.73 -0.63
C SER A 130 -24.53 30.19 -1.27
N GLN A 131 -25.72 30.71 -0.91
CA GLN A 131 -26.92 30.40 -1.67
C GLN A 131 -26.87 30.97 -3.08
N ALA A 132 -26.12 32.06 -3.27
CA ALA A 132 -25.93 32.68 -4.58
C ALA A 132 -24.51 32.57 -5.09
N ALA A 133 -23.75 31.58 -4.62
CA ALA A 133 -22.37 31.43 -5.05
C ALA A 133 -22.26 30.58 -6.30
N VAL A 134 -21.07 30.55 -6.88
CA VAL A 134 -20.79 29.73 -8.06
C VAL A 134 -19.61 28.80 -7.85
N GLY A 135 -18.53 29.28 -7.22
CA GLY A 135 -17.37 28.45 -6.90
C GLY A 135 -17.12 28.50 -5.40
N ALA A 136 -16.70 27.37 -4.84
CA ALA A 136 -16.46 27.23 -3.41
C ALA A 136 -15.05 26.69 -3.24
N VAL A 137 -14.26 27.36 -2.40
CA VAL A 137 -12.93 26.87 -2.03
C VAL A 137 -13.05 26.09 -0.72
N PRO A 138 -12.40 24.94 -0.67
CA PRO A 138 -12.61 23.97 0.42
C PRO A 138 -11.27 23.77 1.12
N GLU A 139 -11.10 24.44 2.26
CA GLU A 139 -9.87 24.58 3.07
C GLU A 139 -8.54 24.57 2.31
N LYS A 143 -9.52 26.87 7.68
CA LYS A 143 -8.88 26.19 8.80
C LYS A 143 -7.40 25.93 8.51
N ASP A 144 -7.11 24.77 7.92
CA ASP A 144 -5.76 24.38 7.58
C ASP A 144 -5.80 23.51 6.33
N THR A 145 -4.70 22.83 6.06
CA THR A 145 -4.65 21.91 4.94
C THR A 145 -4.48 22.62 3.60
N ALA A 146 -4.58 21.82 2.54
CA ALA A 146 -4.41 22.31 1.18
C ALA A 146 -5.74 22.77 0.62
N LEU A 147 -5.68 23.73 -0.30
CA LEU A 147 -6.86 24.33 -0.87
C LEU A 147 -7.38 23.50 -2.03
N HIS A 148 -8.70 23.50 -2.20
CA HIS A 148 -9.37 22.84 -3.31
C HIS A 148 -10.52 23.72 -3.78
N LYS A 149 -10.51 24.08 -5.05
CA LYS A 149 -11.55 24.92 -5.63
C LYS A 149 -12.56 24.02 -6.35
N SER A 150 -13.83 24.14 -5.98
CA SER A 150 -14.88 23.29 -6.51
C SER A 150 -15.92 24.13 -7.24
N GLU A 151 -16.35 23.63 -8.40
CA GLU A 151 -17.38 24.27 -9.20
C GLU A 151 -18.74 23.69 -8.83
N GLU A 152 -19.71 24.58 -8.61
CA GLU A 152 -21.09 24.14 -8.45
C GLU A 152 -21.61 23.64 -9.79
N ALA A 153 -22.46 22.61 -9.75
CA ALA A 153 -22.79 21.83 -10.93
C ALA A 153 -23.89 22.51 -11.76
N VAL A 154 -24.49 21.75 -12.66
CA VAL A 154 -25.20 22.23 -13.85
C VAL A 154 -26.68 21.89 -13.63
N SER A 155 -27.17 22.19 -12.42
CA SER A 155 -28.50 21.93 -11.87
C SER A 155 -29.66 22.00 -12.87
N VAL A 156 -30.51 20.97 -12.86
CA VAL A 156 -31.51 20.78 -13.90
C VAL A 156 -32.88 20.65 -13.24
N GLY A 157 -32.92 20.86 -11.93
CA GLY A 157 -34.18 20.81 -11.18
C GLY A 157 -35.14 21.92 -11.57
N GLN A 158 -36.16 21.54 -12.33
CA GLN A 158 -37.17 22.49 -12.79
C GLN A 158 -38.07 23.07 -11.69
N LYS A 159 -38.55 22.22 -10.79
CA LYS A 159 -39.42 22.67 -9.71
C LYS A 159 -38.70 23.61 -8.75
N ARG A 160 -37.46 23.27 -8.41
CA ARG A 160 -36.65 24.06 -7.52
C ARG A 160 -35.22 24.00 -7.98
N VAL A 161 -34.45 25.06 -7.74
CA VAL A 161 -33.06 25.06 -8.13
C VAL A 161 -32.34 24.06 -7.24
N LEU A 162 -31.44 23.28 -7.83
CA LEU A 162 -30.68 22.31 -7.07
C LEU A 162 -29.22 22.75 -7.11
N ARG A 163 -28.62 22.92 -5.93
CA ARG A 163 -27.22 23.35 -5.89
C ARG A 163 -26.38 22.24 -5.27
N TYR A 164 -25.73 21.45 -6.13
CA TYR A 164 -24.85 20.38 -5.67
C TYR A 164 -23.50 20.51 -6.35
N TYR A 165 -22.53 19.77 -5.83
CA TYR A 165 -21.19 19.73 -6.41
C TYR A 165 -20.48 18.46 -5.99
N LEU A 166 -19.82 17.83 -6.96
CA LEU A 166 -18.96 16.69 -6.68
C LEU A 166 -17.70 17.19 -5.98
N PHE A 167 -17.29 16.46 -4.95
CA PHE A 167 -16.00 16.70 -4.31
C PHE A 167 -15.45 15.36 -3.85
N GLN A 168 -14.42 14.87 -4.58
CA GLN A 168 -13.82 13.55 -4.38
C GLN A 168 -14.86 12.45 -4.52
N GLY A 169 -15.80 12.62 -5.44
CA GLY A 169 -16.91 11.72 -5.61
C GLY A 169 -18.06 11.91 -4.65
N GLN A 170 -17.87 12.63 -3.55
CA GLN A 170 -18.88 12.78 -2.51
C GLN A 170 -19.71 14.03 -2.80
N ARG A 171 -20.97 13.83 -3.18
CA ARG A 171 -21.88 14.94 -3.45
C ARG A 171 -22.24 15.63 -2.16
N TYR A 172 -22.16 16.96 -2.17
CA TYR A 172 -22.69 17.78 -1.08
C TYR A 172 -23.85 18.59 -1.62
N ILE A 173 -24.93 18.66 -0.84
CA ILE A 173 -26.21 19.18 -1.32
C ILE A 173 -26.56 20.44 -0.54
N TRP A 174 -27.23 21.38 -1.20
CA TRP A 174 -27.68 22.61 -0.58
C TRP A 174 -29.13 22.47 -0.14
N ILE A 175 -29.42 22.87 1.10
CA ILE A 175 -30.74 22.76 1.68
C ILE A 175 -31.18 24.16 2.10
N GLU A 176 -32.29 24.63 1.53
CA GLU A 176 -32.75 25.99 1.74
C GLU A 176 -33.36 26.21 3.12
N THR A 177 -33.71 25.15 3.85
CA THR A 177 -34.28 25.29 5.19
C THR A 177 -33.21 25.31 6.28
N GLN A 178 -31.98 24.95 5.97
CA GLN A 178 -30.88 25.01 6.92
C GLN A 178 -29.73 25.90 6.46
N GLN A 179 -29.63 26.20 5.17
CA GLN A 179 -28.62 27.06 4.57
C GLN A 179 -27.20 26.57 4.85
N ALA A 180 -26.94 25.33 4.42
CA ALA A 180 -25.63 24.71 4.59
C ALA A 180 -25.45 23.65 3.51
N PHE A 181 -24.25 23.11 3.43
CA PHE A 181 -23.93 22.02 2.51
C PHE A 181 -23.80 20.74 3.33
N TYR A 182 -24.85 19.91 3.29
CA TYR A 182 -24.85 18.61 3.95
C TYR A 182 -24.48 17.52 2.97
N GLN A 183 -23.79 16.51 3.46
CA GLN A 183 -23.38 15.38 2.63
C GLN A 183 -24.58 14.51 2.28
N VAL A 184 -24.65 14.07 1.02
CA VAL A 184 -25.76 13.27 0.53
C VAL A 184 -25.76 11.88 1.18
N SER A 185 -24.59 11.41 1.57
CA SER A 185 -24.53 10.13 2.29
C SER A 185 -25.27 10.27 3.60
N LEU A 186 -25.13 11.42 4.24
CA LEU A 186 -25.79 11.67 5.52
C LEU A 186 -27.31 11.66 5.46
N LEU A 187 -27.89 12.20 4.41
CA LEU A 187 -29.36 12.29 4.28
C LEU A 187 -30.24 11.35 5.12
N ASP A 188 -30.45 10.12 4.65
CA ASP A 188 -31.36 9.22 5.33
C ASP A 188 -30.73 8.51 6.51
N HIS A 189 -29.67 9.06 7.09
CA HIS A 189 -29.04 8.46 8.25
C HIS A 189 -29.91 8.68 9.48
N GLY A 190 -30.09 7.63 10.28
CA GLY A 190 -31.03 7.66 11.38
C GLY A 190 -32.40 7.14 11.02
N ARG A 191 -32.53 6.43 9.91
CA ARG A 191 -33.82 5.91 9.47
C ARG A 191 -34.22 4.72 10.34
N SER A 192 -35.51 4.63 10.65
CA SER A 192 -35.99 3.56 11.52
C SER A 192 -36.06 2.24 10.76
N CYS A 193 -36.04 1.14 11.53
CA CYS A 193 -36.00 -0.19 10.93
C CYS A 193 -37.33 -0.59 10.32
N ASP A 194 -38.43 0.06 10.70
CA ASP A 194 -39.73 -0.23 10.11
C ASP A 194 -39.96 0.54 8.82
N ASP A 195 -39.13 1.55 8.54
CA ASP A 195 -39.32 2.36 7.35
C ASP A 195 -38.97 1.58 6.08
N VAL A 196 -37.97 0.71 6.15
CA VAL A 196 -37.61 -0.09 4.98
C VAL A 196 -38.65 -1.17 4.72
N HIS A 197 -39.36 -1.61 5.77
CA HIS A 197 -40.46 -2.55 5.57
C HIS A 197 -41.71 -1.86 5.07
N ARG A 198 -41.83 -0.55 5.22
CA ARG A 198 -42.82 0.22 4.50
C ARG A 198 -42.32 0.65 3.13
N SER A 199 -41.08 0.31 2.78
CA SER A 199 -40.50 0.61 1.49
C SER A 199 -40.37 -0.62 0.61
N ARG A 200 -41.15 -1.67 0.91
CA ARG A 200 -41.03 -2.93 0.17
C ARG A 200 -41.57 -2.82 -1.25
N HIS A 201 -42.51 -1.90 -1.48
CA HIS A 201 -43.12 -1.77 -2.79
C HIS A 201 -42.31 -0.90 -3.73
N GLY A 202 -41.23 -0.29 -3.26
CA GLY A 202 -40.35 0.46 -4.11
C GLY A 202 -40.81 1.91 -4.31
N LEU A 203 -40.30 2.50 -5.39
CA LEU A 203 -40.59 3.88 -5.75
C LEU A 203 -41.19 3.93 -7.14
N SER A 204 -42.16 4.81 -7.31
CA SER A 204 -42.78 5.02 -8.62
C SER A 204 -41.88 5.91 -9.48
N LEU A 205 -42.23 6.01 -10.77
CA LEU A 205 -41.46 6.81 -11.71
C LEU A 205 -41.57 8.30 -11.44
N GLN A 206 -42.61 8.74 -10.71
CA GLN A 206 -42.69 10.14 -10.33
C GLN A 206 -41.74 10.48 -9.19
N ASP A 207 -41.33 9.47 -8.41
CA ASP A 207 -40.42 9.68 -7.31
C ASP A 207 -39.02 9.16 -7.59
N GLN A 208 -38.88 8.30 -8.61
CA GLN A 208 -37.55 7.79 -8.96
C GLN A 208 -36.70 8.87 -9.62
N MET A 209 -37.32 9.73 -10.42
CA MET A 209 -36.58 10.79 -11.11
C MET A 209 -36.15 11.90 -10.17
N VAL A 210 -36.92 12.14 -9.12
CA VAL A 210 -36.55 13.14 -8.13
C VAL A 210 -35.32 12.67 -7.36
N ARG A 211 -35.35 11.38 -7.01
CA ARG A 211 -34.28 10.72 -6.26
C ARG A 211 -32.97 10.64 -7.02
N LYS A 212 -33.06 10.37 -8.31
CA LYS A 212 -31.90 10.20 -9.16
C LYS A 212 -31.07 11.48 -9.21
N ALA A 213 -31.74 12.62 -9.28
CA ALA A 213 -31.06 13.90 -9.33
C ALA A 213 -30.25 14.18 -8.07
N ILE A 214 -30.80 13.81 -6.91
CA ILE A 214 -30.13 14.07 -5.64
C ILE A 214 -28.94 13.13 -5.47
N TYR A 215 -29.11 11.85 -5.79
CA TYR A 215 -28.10 10.84 -5.51
C TYR A 215 -27.15 10.60 -6.68
N GLY A 216 -27.65 10.56 -7.91
CA GLY A 216 -26.79 10.33 -9.04
C GLY A 216 -27.12 9.04 -9.76
N PRO A 217 -26.27 8.64 -10.70
CA PRO A 217 -26.56 7.47 -11.53
C PRO A 217 -26.15 6.12 -10.97
N ASN A 218 -25.62 6.06 -9.74
CA ASN A 218 -25.08 4.86 -9.11
C ASN A 218 -24.00 4.21 -9.99
N VAL A 219 -22.95 4.99 -10.24
CA VAL A 219 -21.82 4.54 -11.05
C VAL A 219 -20.54 4.95 -10.33
N ILE A 220 -19.61 4.00 -10.19
CA ILE A 220 -18.25 4.34 -9.79
C ILE A 220 -17.62 5.14 -10.92
N SER A 221 -17.39 6.43 -10.70
CA SER A 221 -16.91 7.32 -11.75
C SER A 221 -15.39 7.19 -11.86
N ILE A 222 -14.92 6.33 -12.76
CA ILE A 222 -13.52 6.30 -13.12
C ILE A 222 -13.42 6.94 -14.50
N PRO A 223 -13.07 8.22 -14.60
CA PRO A 223 -13.16 8.92 -15.89
C PRO A 223 -12.04 8.52 -16.83
N VAL A 224 -12.40 8.25 -18.08
CA VAL A 224 -11.44 7.88 -19.11
C VAL A 224 -10.80 9.17 -19.62
N LYS A 225 -9.57 9.44 -19.20
CA LYS A 225 -8.88 10.64 -19.65
C LYS A 225 -8.40 10.45 -21.08
N SER A 226 -8.54 11.49 -21.89
CA SER A 226 -8.04 11.47 -23.25
C SER A 226 -6.58 11.93 -23.27
N TYR A 227 -5.89 11.55 -24.34
CA TYR A 227 -4.47 11.88 -24.46
C TYR A 227 -4.16 13.38 -24.53
N PRO A 228 -4.93 14.25 -25.21
CA PRO A 228 -4.70 15.69 -25.00
C PRO A 228 -5.02 16.17 -23.59
N GLN A 229 -5.98 15.55 -22.91
CA GLN A 229 -6.27 15.90 -21.54
C GLN A 229 -5.24 15.34 -20.57
N LEU A 230 -4.39 14.44 -21.01
CA LEU A 230 -3.40 13.78 -20.16
C LEU A 230 -1.98 14.21 -20.45
N LEU A 231 -1.66 14.54 -21.71
CA LEU A 231 -0.41 15.23 -22.01
C LEU A 231 -0.36 16.59 -21.34
N VAL A 232 -1.49 17.30 -21.30
CA VAL A 232 -1.53 18.62 -20.66
C VAL A 232 -1.47 18.48 -19.14
N ASP A 233 -1.89 17.34 -18.61
CA ASP A 233 -1.80 17.13 -17.17
C ASP A 233 -0.37 16.85 -16.72
N GLU A 234 0.49 16.38 -17.63
CA GLU A 234 1.87 16.05 -17.31
C GLU A 234 2.87 17.09 -17.78
N ALA A 235 2.70 17.64 -18.99
CA ALA A 235 3.68 18.58 -19.53
C ALA A 235 3.56 19.96 -18.90
N LEU A 236 2.43 20.31 -18.28
CA LEU A 236 2.25 21.64 -17.70
C LEU A 236 2.74 21.61 -16.25
N ASN A 237 4.06 21.59 -16.17
CA ASN A 237 4.81 21.54 -14.94
C ASN A 237 6.02 22.45 -15.08
N PRO A 238 6.52 22.95 -13.96
CA PRO A 238 7.69 23.83 -14.01
C PRO A 238 8.91 23.12 -14.58
N TYR A 239 9.06 21.84 -14.27
CA TYR A 239 10.26 21.11 -14.72
C TYR A 239 10.36 21.11 -16.23
N TYR A 240 9.29 20.69 -16.91
CA TYR A 240 9.25 20.71 -18.36
C TYR A 240 9.11 22.12 -18.92
N GLY A 241 8.74 23.10 -18.09
CA GLY A 241 8.84 24.48 -18.51
C GLY A 241 10.27 24.93 -18.60
N PHE A 242 11.13 24.43 -17.71
CA PHE A 242 12.56 24.70 -17.81
C PHE A 242 13.21 23.88 -18.92
N GLN A 243 12.64 22.73 -19.27
CA GLN A 243 13.18 21.94 -20.36
C GLN A 243 12.74 22.44 -21.72
N ALA A 244 11.67 23.24 -21.78
CA ALA A 244 11.31 23.93 -23.01
C ALA A 244 12.05 25.25 -23.16
N PHE A 245 12.42 25.86 -22.03
CA PHE A 245 13.37 26.97 -22.06
C PHE A 245 14.74 26.51 -22.53
N SER A 246 15.11 25.26 -22.23
CA SER A 246 16.40 24.73 -22.67
C SER A 246 16.41 24.42 -24.16
N ILE A 247 15.29 23.97 -24.71
CA ILE A 247 15.22 23.73 -26.15
C ILE A 247 15.32 25.04 -26.91
N ALA A 248 14.73 26.11 -26.37
CA ALA A 248 14.82 27.41 -27.02
C ALA A 248 16.18 28.06 -26.85
N LEU A 249 16.85 27.84 -25.72
CA LEU A 249 18.10 28.54 -25.45
C LEU A 249 19.24 27.98 -26.30
N TRP A 250 19.28 26.66 -26.48
CA TRP A 250 20.35 26.09 -27.29
C TRP A 250 20.12 26.32 -28.77
N LEU A 251 18.86 26.33 -29.18
CA LEU A 251 18.48 26.53 -30.57
C LEU A 251 19.00 27.89 -31.04
N ALA A 252 19.08 28.85 -30.11
CA ALA A 252 19.59 30.19 -30.39
C ALA A 252 21.05 30.16 -30.86
N ASP A 253 21.84 29.27 -30.28
CA ASP A 253 23.27 29.10 -30.61
C ASP A 253 23.53 28.08 -31.71
N HIS A 254 22.45 27.66 -32.37
CA HIS A 254 22.46 26.71 -33.48
C HIS A 254 22.91 25.29 -33.13
N TYR A 255 22.70 24.88 -31.89
CA TYR A 255 23.01 23.53 -31.46
C TYR A 255 21.78 22.69 -31.76
N TYR A 256 21.56 22.34 -33.02
CA TYR A 256 20.39 21.58 -33.41
C TYR A 256 20.35 20.18 -32.82
N TRP A 257 21.49 19.49 -32.84
CA TRP A 257 21.54 18.14 -32.30
C TRP A 257 21.28 18.08 -30.79
N TYR A 258 21.87 19.00 -30.05
CA TYR A 258 21.67 19.02 -28.61
C TYR A 258 20.23 19.31 -28.26
N ALA A 259 19.62 20.24 -29.00
CA ALA A 259 18.24 20.62 -28.80
C ALA A 259 17.29 19.46 -29.06
N LEU A 260 17.61 18.65 -30.06
CA LEU A 260 16.77 17.52 -30.42
C LEU A 260 16.66 16.48 -29.30
N CYS A 261 17.75 16.21 -28.60
CA CYS A 261 17.71 15.24 -27.51
C CYS A 261 17.09 15.79 -26.25
N ILE A 262 17.06 17.11 -26.05
CA ILE A 262 16.29 17.63 -24.93
C ILE A 262 14.81 17.40 -25.19
N PHE A 263 14.40 17.43 -26.46
CA PHE A 263 13.04 17.06 -26.81
C PHE A 263 12.82 15.56 -26.70
N LEU A 264 13.78 14.76 -27.20
CA LEU A 264 13.57 13.31 -27.25
C LEU A 264 13.65 12.66 -25.88
N ILE A 265 14.52 13.15 -24.98
CA ILE A 265 14.56 12.60 -23.63
C ILE A 265 13.30 12.98 -22.87
N SER A 266 12.85 14.23 -23.03
CA SER A 266 11.62 14.65 -22.37
C SER A 266 10.38 14.00 -22.99
N SER A 267 10.44 13.55 -24.24
CA SER A 267 9.33 12.77 -24.78
C SER A 267 9.31 11.37 -24.20
N ILE A 268 10.47 10.82 -23.84
CA ILE A 268 10.49 9.57 -23.11
C ILE A 268 10.02 9.79 -21.67
N SER A 269 10.33 10.95 -21.10
CA SER A 269 9.94 11.22 -19.71
C SER A 269 8.44 11.46 -19.58
N ILE A 270 7.81 12.05 -20.59
CA ILE A 270 6.37 12.26 -20.57
C ILE A 270 5.64 10.93 -20.78
N CYS A 271 6.07 10.16 -21.79
CA CYS A 271 5.37 8.94 -22.15
C CYS A 271 5.51 7.81 -21.14
N LEU A 272 6.44 7.92 -20.18
CA LEU A 272 6.47 6.97 -19.07
C LEU A 272 5.55 7.37 -17.94
N SER A 273 5.32 8.66 -17.74
CA SER A 273 4.30 9.09 -16.79
C SER A 273 2.90 8.94 -17.34
N LEU A 274 2.75 8.84 -18.66
CA LEU A 274 1.48 8.46 -19.27
C LEU A 274 1.32 6.96 -19.40
N TYR A 275 2.34 6.18 -19.09
CA TYR A 275 2.15 4.75 -18.93
C TYR A 275 1.84 4.39 -17.49
N LYS A 276 2.43 5.11 -16.54
CA LYS A 276 2.14 4.87 -15.13
C LYS A 276 0.70 5.24 -14.78
N THR A 277 0.24 6.39 -15.26
CA THR A 277 -1.08 6.88 -14.87
C THR A 277 -2.20 6.14 -15.60
N ARG A 278 -2.03 5.88 -16.90
CA ARG A 278 -3.08 5.27 -17.69
C ARG A 278 -3.28 3.79 -17.32
N LYS A 279 -2.23 3.12 -16.85
CA LYS A 279 -2.35 1.74 -16.43
C LYS A 279 -2.83 1.60 -14.99
N GLN A 280 -2.61 2.61 -14.15
CA GLN A 280 -3.19 2.60 -12.81
C GLN A 280 -4.69 2.80 -12.87
N SER A 281 -5.16 3.74 -13.70
CA SER A 281 -6.58 4.00 -13.80
C SER A 281 -7.31 2.91 -14.58
N GLN A 282 -6.61 2.14 -15.41
CA GLN A 282 -7.21 0.98 -16.03
C GLN A 282 -7.36 -0.17 -15.04
N THR A 283 -6.51 -0.21 -14.02
CA THR A 283 -6.66 -1.22 -12.97
C THR A 283 -7.90 -0.96 -12.12
N LEU A 284 -8.12 0.30 -11.74
CA LEU A 284 -9.30 0.67 -10.96
C LEU A 284 -10.57 0.52 -11.78
N ARG A 285 -10.51 0.83 -13.07
CA ARG A 285 -11.71 0.78 -13.90
C ARG A 285 -12.15 -0.65 -14.20
N ASP A 286 -11.23 -1.61 -14.17
CA ASP A 286 -11.58 -2.98 -14.49
C ASP A 286 -12.17 -3.75 -13.31
N MET A 287 -12.19 -3.19 -12.11
CA MET A 287 -12.75 -3.88 -10.96
C MET A 287 -14.05 -3.25 -10.46
N VAL A 288 -14.58 -2.26 -11.16
CA VAL A 288 -15.82 -1.61 -10.73
C VAL A 288 -16.84 -1.63 -11.88
N LYS A 289 -16.63 -2.50 -12.86
CA LYS A 289 -17.50 -2.59 -14.02
C LYS A 289 -18.67 -3.52 -13.68
N LEU A 290 -19.86 -2.94 -13.50
CA LEU A 290 -21.02 -3.69 -13.03
C LEU A 290 -22.26 -3.34 -13.84
N SER A 291 -22.15 -3.36 -15.16
CA SER A 291 -23.30 -3.16 -16.03
C SER A 291 -24.13 -4.44 -16.06
N MET A 292 -25.40 -4.34 -15.65
CA MET A 292 -26.21 -5.53 -15.42
C MET A 292 -27.68 -5.16 -15.41
N ARG A 293 -28.52 -6.04 -15.95
CA ARG A 293 -29.96 -5.83 -15.94
C ARG A 293 -30.55 -6.27 -14.61
N VAL A 294 -31.31 -5.38 -13.97
CA VAL A 294 -31.80 -5.56 -12.61
C VAL A 294 -33.31 -5.36 -12.61
N CYS A 295 -34.04 -6.29 -12.00
CA CYS A 295 -35.49 -6.17 -11.89
C CYS A 295 -35.86 -5.51 -10.57
N VAL A 296 -36.75 -4.52 -10.64
CA VAL A 296 -37.21 -3.78 -9.47
C VAL A 296 -38.72 -3.94 -9.36
N CYS A 297 -39.34 -3.29 -8.37
CA CYS A 297 -40.79 -3.30 -8.23
C CYS A 297 -41.30 -1.87 -8.12
N ARG A 298 -42.37 -1.57 -8.86
CA ARG A 298 -43.01 -0.28 -8.80
C ARG A 298 -44.20 -0.35 -7.85
N PRO A 299 -45.01 0.70 -7.83
CA PRO A 299 -46.11 0.79 -6.87
C PRO A 299 -47.24 -0.18 -7.17
N GLY A 300 -47.36 -0.65 -8.42
CA GLY A 300 -48.37 -1.67 -8.75
C GLY A 300 -47.81 -2.61 -9.82
N GLY A 301 -47.16 -3.69 -9.37
CA GLY A 301 -46.92 -4.93 -10.14
C GLY A 301 -46.14 -4.67 -11.44
N GLU A 302 -44.89 -4.24 -11.27
CA GLU A 302 -44.03 -3.99 -12.41
C GLU A 302 -42.63 -4.51 -12.13
N GLU A 303 -41.97 -4.99 -13.18
CA GLU A 303 -40.56 -5.37 -13.12
C GLU A 303 -39.70 -4.49 -14.02
N GLU A 304 -40.05 -4.42 -15.32
CA GLU A 304 -39.59 -3.44 -16.32
C GLU A 304 -38.11 -3.54 -16.70
N TRP A 305 -37.33 -4.38 -16.02
CA TRP A 305 -35.94 -4.71 -16.36
C TRP A 305 -35.06 -3.45 -16.48
N VAL A 306 -34.91 -2.75 -15.36
CA VAL A 306 -34.19 -1.48 -15.36
C VAL A 306 -32.69 -1.81 -15.33
N ASP A 307 -31.85 -0.82 -15.62
CA ASP A 307 -30.41 -1.02 -15.60
C ASP A 307 -29.87 -0.80 -14.19
N SER A 308 -28.74 -1.43 -13.89
CA SER A 308 -28.10 -1.29 -12.58
C SER A 308 -27.57 0.13 -12.34
N SER A 309 -27.37 0.91 -13.41
CA SER A 309 -27.00 2.31 -13.28
C SER A 309 -28.22 3.22 -13.26
N GLU A 310 -29.36 2.74 -12.77
CA GLU A 310 -30.59 3.51 -12.71
C GLU A 310 -31.28 3.32 -11.36
N LEU A 311 -30.52 3.12 -10.30
CA LEU A 311 -31.06 2.75 -8.99
C LEU A 311 -30.83 3.88 -7.99
N VAL A 312 -31.80 4.05 -7.09
CA VAL A 312 -31.75 5.09 -6.08
C VAL A 312 -31.93 4.44 -4.71
N PRO A 313 -31.50 5.11 -3.63
CA PRO A 313 -31.87 4.67 -2.29
C PRO A 313 -33.39 4.71 -2.09
N GLY A 314 -33.88 3.76 -1.31
CA GLY A 314 -35.29 3.58 -1.11
C GLY A 314 -35.96 2.62 -2.09
N ASP A 315 -35.35 2.39 -3.25
CA ASP A 315 -35.93 1.50 -4.24
C ASP A 315 -35.86 0.05 -3.79
N CYS A 316 -36.84 -0.74 -4.22
CA CYS A 316 -36.79 -2.17 -3.97
C CYS A 316 -35.96 -2.85 -5.04
N LEU A 317 -35.63 -4.11 -4.78
CA LEU A 317 -34.78 -4.86 -5.69
C LEU A 317 -35.01 -6.34 -5.43
N VAL A 318 -35.41 -7.08 -6.45
CA VAL A 318 -35.58 -8.52 -6.32
C VAL A 318 -34.29 -9.19 -6.75
N LEU A 319 -34.02 -10.35 -6.18
CA LEU A 319 -32.76 -11.05 -6.39
C LEU A 319 -33.02 -12.36 -7.11
N PRO A 320 -32.25 -12.63 -8.17
CA PRO A 320 -32.38 -13.87 -8.92
C PRO A 320 -31.89 -15.06 -8.10
N GLN A 321 -32.50 -16.22 -8.31
CA GLN A 321 -32.11 -17.43 -7.60
C GLN A 321 -30.67 -17.83 -7.93
N GLU A 322 -30.29 -17.67 -9.20
CA GLU A 322 -28.95 -18.01 -9.66
C GLU A 322 -27.85 -17.19 -8.98
N GLY A 323 -28.16 -15.93 -8.70
CA GLY A 323 -27.24 -15.04 -8.05
C GLY A 323 -26.32 -14.34 -9.02
N GLY A 324 -25.51 -13.42 -8.48
CA GLY A 324 -24.58 -12.65 -9.27
C GLY A 324 -24.01 -11.51 -8.45
N LEU A 325 -23.28 -10.61 -9.10
CA LEU A 325 -22.71 -9.47 -8.39
C LEU A 325 -23.82 -8.57 -7.88
N MET A 326 -23.61 -7.97 -6.72
CA MET A 326 -24.61 -7.08 -6.15
C MET A 326 -24.41 -5.67 -6.67
N PRO A 327 -25.37 -5.19 -7.45
CA PRO A 327 -25.31 -3.85 -8.03
C PRO A 327 -25.33 -2.71 -7.02
N CYS A 328 -26.18 -2.85 -6.00
CA CYS A 328 -26.31 -1.81 -4.99
C CYS A 328 -26.18 -2.28 -3.56
N ASP A 329 -25.86 -1.34 -2.68
CA ASP A 329 -25.66 -1.60 -1.25
C ASP A 329 -27.00 -1.81 -0.56
N ALA A 330 -27.67 -2.90 -0.92
CA ALA A 330 -29.06 -3.11 -0.55
C ALA A 330 -29.18 -3.55 0.91
N ALA A 331 -30.42 -3.74 1.34
CA ALA A 331 -30.73 -4.27 2.66
C ALA A 331 -31.79 -5.35 2.50
N LEU A 332 -31.47 -6.57 2.92
CA LEU A 332 -32.37 -7.70 2.73
C LEU A 332 -33.51 -7.60 3.73
N VAL A 333 -34.73 -7.74 3.22
CA VAL A 333 -35.92 -7.58 4.08
C VAL A 333 -36.74 -8.86 4.10
N ALA A 334 -36.64 -9.68 3.06
CA ALA A 334 -37.50 -10.86 2.97
C ALA A 334 -36.76 -11.94 2.18
N GLY A 335 -36.12 -12.85 2.90
CA GLY A 335 -35.47 -13.99 2.30
C GLY A 335 -34.14 -14.28 2.96
N GLU A 336 -33.40 -15.22 2.37
CA GLU A 336 -32.08 -15.63 2.84
C GLU A 336 -31.17 -15.81 1.63
N CYS A 337 -29.87 -15.60 1.83
CA CYS A 337 -28.93 -15.73 0.71
C CYS A 337 -27.52 -15.96 1.25
N MET A 338 -26.72 -16.66 0.46
CA MET A 338 -25.31 -16.91 0.75
C MET A 338 -24.47 -15.98 -0.12
N VAL A 339 -23.59 -15.20 0.51
CA VAL A 339 -22.85 -14.15 -0.16
C VAL A 339 -21.36 -14.43 -0.04
N ASN A 340 -20.65 -14.36 -1.16
CA ASN A 340 -19.19 -14.42 -1.17
C ASN A 340 -18.67 -12.98 -1.07
N GLU A 341 -18.20 -12.60 0.11
CA GLU A 341 -17.73 -11.24 0.34
C GLU A 341 -16.23 -11.10 0.19
N SER A 342 -15.61 -11.85 -0.73
CA SER A 342 -14.16 -11.79 -0.90
C SER A 342 -13.72 -10.46 -1.51
N SER A 343 -14.60 -9.76 -2.21
CA SER A 343 -14.24 -8.49 -2.82
C SER A 343 -14.25 -7.34 -1.83
N LEU A 344 -14.86 -7.52 -0.65
CA LEU A 344 -14.89 -6.49 0.37
C LEU A 344 -14.25 -6.89 1.68
N THR A 345 -14.10 -8.17 1.97
CA THR A 345 -13.46 -8.61 3.20
C THR A 345 -12.20 -9.42 2.97
N GLY A 346 -12.27 -10.47 2.17
CA GLY A 346 -11.10 -11.31 1.97
C GLY A 346 -11.40 -12.78 2.19
N GLU A 347 -12.36 -13.09 3.06
CA GLU A 347 -12.81 -14.47 3.21
C GLU A 347 -13.51 -14.96 1.96
N SER A 348 -13.05 -16.09 1.43
CA SER A 348 -13.69 -16.72 0.30
C SER A 348 -14.81 -17.66 0.72
N ILE A 349 -15.03 -17.84 2.02
CA ILE A 349 -16.10 -18.70 2.51
C ILE A 349 -17.41 -17.91 2.45
N PRO A 350 -18.52 -18.54 2.14
CA PRO A 350 -19.79 -17.81 2.06
C PRO A 350 -20.33 -17.47 3.44
N VAL A 351 -20.92 -16.29 3.54
CA VAL A 351 -21.55 -15.85 4.77
C VAL A 351 -23.06 -15.98 4.62
N LEU A 352 -23.75 -15.95 5.75
CA LEU A 352 -25.21 -16.10 5.79
C LEU A 352 -25.83 -14.75 6.11
N LYS A 353 -26.92 -14.44 5.41
CA LYS A 353 -27.55 -13.12 5.51
C LYS A 353 -29.01 -13.28 5.93
N THR A 354 -29.28 -13.05 7.22
CA THR A 354 -30.63 -13.06 7.72
C THR A 354 -31.38 -11.81 7.30
N ALA A 355 -32.69 -11.95 7.12
CA ALA A 355 -33.53 -10.82 6.77
C ALA A 355 -33.63 -9.83 7.94
N LEU A 356 -33.98 -8.62 7.61
CA LEU A 356 -33.96 -7.55 8.61
C LEU A 356 -35.22 -7.63 9.47
N PRO A 357 -35.10 -7.55 10.79
CA PRO A 357 -36.30 -7.57 11.64
C PRO A 357 -37.05 -6.26 11.64
N GLU A 358 -38.08 -6.16 12.48
CA GLU A 358 -38.88 -4.95 12.63
C GLU A 358 -38.63 -4.33 14.00
N GLY A 359 -38.43 -3.02 14.01
CA GLY A 359 -38.21 -2.27 15.24
C GLY A 359 -38.57 -0.80 15.06
N CYS A 364 -27.25 1.29 11.21
CA CYS A 364 -28.19 0.41 10.53
C CYS A 364 -27.55 -0.22 9.29
N ALA A 365 -26.24 -0.01 9.16
CA ALA A 365 -25.48 -0.63 8.07
C ALA A 365 -24.24 -1.30 8.63
N GLU A 366 -23.73 -0.81 9.75
CA GLU A 366 -22.65 -1.45 10.49
C GLU A 366 -23.15 -2.31 11.64
N THR A 367 -24.22 -1.89 12.30
CA THR A 367 -24.83 -2.72 13.34
C THR A 367 -25.52 -3.92 12.73
N HIS A 368 -26.29 -3.70 11.66
CA HIS A 368 -27.00 -4.77 10.97
C HIS A 368 -26.17 -5.34 9.83
N ARG A 369 -24.93 -5.73 10.18
CA ARG A 369 -23.95 -6.19 9.20
C ARG A 369 -24.36 -7.52 8.57
N ARG A 370 -25.07 -8.35 9.32
CA ARG A 370 -25.56 -9.63 8.81
C ARG A 370 -26.85 -9.50 8.03
N HIS A 371 -27.36 -8.28 7.85
CA HIS A 371 -28.60 -8.05 7.12
C HIS A 371 -28.39 -7.31 5.81
N THR A 372 -27.18 -6.82 5.56
CA THR A 372 -26.87 -5.93 4.45
C THR A 372 -26.20 -6.70 3.33
N LEU A 373 -26.60 -6.41 2.10
CA LEU A 373 -25.95 -6.96 0.90
C LEU A 373 -25.12 -5.86 0.26
N PHE A 374 -23.81 -5.89 0.52
CA PHE A 374 -22.89 -4.87 0.04
C PHE A 374 -22.66 -4.99 -1.46
N CYS A 375 -22.22 -3.88 -2.05
CA CYS A 375 -22.09 -3.78 -3.50
C CYS A 375 -20.84 -4.51 -3.98
N GLY A 376 -21.00 -5.29 -5.06
CA GLY A 376 -19.92 -6.02 -5.67
C GLY A 376 -19.78 -7.45 -5.21
N THR A 377 -20.19 -7.76 -3.98
CA THR A 377 -20.06 -9.11 -3.45
C THR A 377 -21.07 -10.05 -4.09
N LEU A 378 -20.58 -11.20 -4.52
CA LEU A 378 -21.38 -12.14 -5.30
C LEU A 378 -22.31 -12.95 -4.40
N ILE A 379 -23.55 -13.16 -4.87
CA ILE A 379 -24.54 -13.94 -4.14
C ILE A 379 -24.63 -15.32 -4.80
N LEU A 380 -24.95 -16.34 -3.99
CA LEU A 380 -24.78 -17.72 -4.42
C LEU A 380 -26.10 -18.46 -4.66
N GLN A 381 -27.00 -18.51 -3.67
CA GLN A 381 -28.22 -19.29 -3.87
C GLN A 381 -29.50 -18.47 -3.81
N ALA A 382 -29.66 -17.61 -2.80
CA ALA A 382 -30.78 -16.65 -2.66
C ALA A 382 -32.14 -17.35 -2.65
N ARG A 383 -32.38 -18.12 -1.59
CA ARG A 383 -33.66 -18.76 -1.40
C ARG A 383 -34.68 -17.79 -0.81
N ALA A 384 -35.96 -18.06 -1.08
CA ALA A 384 -37.03 -17.14 -0.67
C ALA A 384 -37.76 -17.59 0.58
N TYR A 385 -38.40 -18.77 0.54
CA TYR A 385 -39.01 -19.49 1.65
C TYR A 385 -40.22 -18.81 2.31
N VAL A 386 -40.57 -17.58 1.92
CA VAL A 386 -41.71 -16.90 2.51
C VAL A 386 -42.73 -16.48 1.47
N GLY A 387 -42.26 -15.98 0.32
CA GLY A 387 -43.14 -15.50 -0.71
C GLY A 387 -42.77 -16.02 -2.08
N PRO A 388 -43.18 -15.30 -3.13
CA PRO A 388 -42.81 -15.72 -4.50
C PRO A 388 -41.37 -15.40 -4.87
N HIS A 389 -40.76 -14.41 -4.23
CA HIS A 389 -39.40 -14.00 -4.55
C HIS A 389 -38.80 -13.26 -3.36
N VAL A 390 -37.49 -13.05 -3.43
CA VAL A 390 -36.70 -12.48 -2.35
C VAL A 390 -36.46 -10.99 -2.61
N LEU A 391 -36.65 -10.18 -1.57
CA LEU A 391 -36.70 -8.72 -1.70
C LEU A 391 -35.52 -8.08 -1.00
N ALA A 392 -34.97 -7.03 -1.62
CA ALA A 392 -33.92 -6.23 -1.01
C ALA A 392 -34.20 -4.75 -1.28
N VAL A 393 -33.92 -3.91 -0.30
CA VAL A 393 -34.23 -2.48 -0.36
C VAL A 393 -32.91 -1.71 -0.41
N VAL A 394 -32.77 -0.84 -1.41
CA VAL A 394 -31.51 -0.16 -1.67
C VAL A 394 -31.27 0.91 -0.62
N THR A 395 -30.05 0.96 -0.09
CA THR A 395 -29.67 1.92 0.93
C THR A 395 -28.64 2.93 0.44
N ARG A 396 -27.53 2.49 -0.10
CA ARG A 396 -26.47 3.38 -0.57
C ARG A 396 -26.18 3.11 -2.05
N THR A 397 -25.72 4.14 -2.74
CA THR A 397 -25.32 4.06 -4.14
C THR A 397 -23.88 4.53 -4.29
N GLY A 398 -23.46 4.70 -5.54
CA GLY A 398 -22.10 4.55 -6.03
C GLY A 398 -20.91 4.98 -5.18
N PHE A 399 -20.76 6.25 -4.88
CA PHE A 399 -19.61 6.68 -4.09
C PHE A 399 -19.89 6.70 -2.60
N CYS A 400 -21.08 6.27 -2.18
CA CYS A 400 -21.44 6.26 -0.77
C CYS A 400 -21.32 4.88 -0.14
N THR A 401 -21.39 3.83 -0.94
CA THR A 401 -21.29 2.46 -0.45
C THR A 401 -19.85 2.10 -0.11
N ALA A 402 -19.69 1.00 0.63
CA ALA A 402 -18.41 0.31 0.68
C ALA A 402 -18.24 -0.47 -0.62
N LYS A 403 -16.99 -0.52 -1.11
CA LYS A 403 -16.47 -0.73 -2.47
C LYS A 403 -16.64 0.53 -3.30
N GLY A 404 -17.34 1.54 -2.81
CA GLY A 404 -17.31 2.86 -3.40
C GLY A 404 -16.45 3.76 -2.55
N GLY A 405 -16.52 3.56 -1.24
CA GLY A 405 -15.66 4.28 -0.31
C GLY A 405 -14.28 3.69 -0.15
N LEU A 406 -14.06 2.47 -0.64
CA LEU A 406 -12.71 1.93 -0.69
C LEU A 406 -11.97 2.42 -1.93
N VAL A 407 -12.68 2.50 -3.05
CA VAL A 407 -12.11 3.06 -4.28
C VAL A 407 -11.85 4.55 -4.12
N SER A 408 -12.74 5.26 -3.41
CA SER A 408 -12.54 6.67 -3.16
C SER A 408 -11.48 6.97 -2.10
N SER A 409 -10.89 5.94 -1.50
CA SER A 409 -9.71 6.11 -0.67
C SER A 409 -8.45 5.61 -1.36
N ILE A 410 -8.59 4.88 -2.45
CA ILE A 410 -7.43 4.51 -3.27
C ILE A 410 -6.91 5.73 -4.02
N LEU A 411 -7.78 6.35 -4.81
CA LEU A 411 -7.39 7.46 -5.67
C LEU A 411 -7.50 8.82 -4.98
N HIS A 412 -7.67 8.86 -3.67
CA HIS A 412 -7.38 10.04 -2.86
C HIS A 412 -6.72 9.60 -1.58
N PRO A 413 -5.44 9.23 -1.63
CA PRO A 413 -4.80 8.55 -0.51
C PRO A 413 -4.40 9.53 0.58
N ARG A 414 -3.90 8.98 1.67
CA ARG A 414 -3.32 9.64 2.83
C ARG A 414 -1.81 9.72 2.68
N PRO A 415 -1.19 10.76 3.24
CA PRO A 415 0.26 10.86 3.12
C PRO A 415 0.92 9.74 3.90
N ILE A 416 1.87 9.06 3.30
CA ILE A 416 2.57 7.98 3.98
C ILE A 416 3.49 8.59 5.02
N ASN A 417 3.74 7.88 6.12
CA ASN A 417 4.60 8.42 7.17
C ASN A 417 6.10 8.17 6.94
N PHE A 418 6.62 8.68 5.83
CA PHE A 418 8.02 8.58 5.48
C PHE A 418 8.35 9.85 4.71
N LYS A 419 9.52 10.43 4.93
CA LYS A 419 9.87 11.64 4.21
C LYS A 419 10.08 11.29 2.75
N PHE A 420 9.51 12.07 1.85
CA PHE A 420 9.70 11.79 0.43
C PHE A 420 11.07 12.31 0.05
N TYR A 421 12.07 11.44 0.29
CA TYR A 421 13.51 11.62 0.07
C TYR A 421 14.21 12.53 1.09
N LYS A 422 13.48 12.84 2.16
CA LYS A 422 13.96 13.64 3.28
C LYS A 422 14.19 15.13 3.07
N HIS A 423 15.10 15.48 2.17
CA HIS A 423 15.40 16.90 1.94
C HIS A 423 15.25 17.36 0.49
N SER A 424 14.46 18.41 0.29
CA SER A 424 14.29 18.97 -1.05
C SER A 424 14.96 20.33 -1.10
N MET A 425 14.60 21.19 -0.15
CA MET A 425 15.14 22.53 -0.04
C MET A 425 16.64 22.59 0.27
N LYS A 426 17.09 21.73 1.18
CA LYS A 426 18.48 21.70 1.59
C LYS A 426 19.40 21.35 0.43
N PHE A 427 18.94 20.39 -0.38
CA PHE A 427 19.69 19.92 -1.54
C PHE A 427 19.70 20.99 -2.61
N VAL A 428 18.56 21.65 -2.80
CA VAL A 428 18.46 22.69 -3.80
C VAL A 428 19.39 23.84 -3.46
N ALA A 429 19.45 24.20 -2.19
CA ALA A 429 20.30 25.28 -1.73
C ALA A 429 21.75 24.93 -1.99
N ALA A 430 22.12 23.67 -1.70
CA ALA A 430 23.49 23.26 -1.93
C ALA A 430 23.82 23.36 -3.41
N LEU A 431 22.90 22.91 -4.26
CA LEU A 431 23.14 22.97 -5.69
C LEU A 431 23.31 24.41 -6.14
N SER A 432 22.45 25.30 -5.63
CA SER A 432 22.51 26.69 -6.02
C SER A 432 23.82 27.34 -5.60
N VAL A 433 24.29 27.08 -4.38
CA VAL A 433 25.56 27.70 -3.99
C VAL A 433 26.69 27.13 -4.84
N LEU A 434 26.64 25.82 -5.05
CA LEU A 434 27.64 25.14 -5.86
C LEU A 434 27.60 25.50 -7.34
N ALA A 435 26.39 25.66 -7.88
CA ALA A 435 26.27 25.95 -9.30
C ALA A 435 26.34 27.43 -9.62
N LEU A 436 26.11 28.31 -8.63
CA LEU A 436 26.32 29.73 -8.87
C LEU A 436 27.80 30.10 -8.79
N LEU A 437 28.57 29.43 -7.92
CA LEU A 437 30.00 29.67 -7.87
C LEU A 437 30.72 29.19 -9.13
N GLY A 438 30.15 28.21 -9.83
CA GLY A 438 30.62 27.92 -11.17
C GLY A 438 30.00 28.77 -12.24
N THR A 439 28.96 29.54 -11.92
CA THR A 439 28.34 30.43 -12.88
C THR A 439 29.00 31.80 -12.89
N ILE A 440 29.29 32.35 -11.70
CA ILE A 440 30.01 33.61 -11.64
C ILE A 440 31.47 33.46 -12.05
N TYR A 441 31.99 32.23 -12.02
CA TYR A 441 33.30 31.96 -12.59
C TYR A 441 33.31 32.22 -14.08
N SER A 442 32.35 31.65 -14.81
CA SER A 442 32.27 31.88 -16.25
C SER A 442 31.81 33.29 -16.60
N ILE A 443 31.27 34.04 -15.65
CA ILE A 443 31.11 35.48 -15.83
C ILE A 443 32.48 36.15 -15.82
N PHE A 444 33.32 35.81 -14.83
CA PHE A 444 34.57 36.53 -14.66
C PHE A 444 35.68 36.02 -15.56
N ILE A 445 35.57 34.79 -16.08
CA ILE A 445 36.66 34.24 -16.89
C ILE A 445 36.43 34.54 -18.37
N LEU A 446 35.19 34.43 -18.85
CA LEU A 446 34.90 34.78 -20.24
C LEU A 446 35.12 36.26 -20.51
N TYR A 447 34.92 37.11 -19.51
CA TYR A 447 35.25 38.53 -19.69
C TYR A 447 36.75 38.74 -19.77
N ARG A 448 37.54 37.95 -19.05
CA ARG A 448 38.99 37.99 -19.21
C ARG A 448 39.45 37.41 -20.54
N ASN A 449 38.62 36.59 -21.18
CA ASN A 449 38.89 36.13 -22.54
C ASN A 449 38.28 37.05 -23.59
N ARG A 450 37.73 38.20 -23.16
CA ARG A 450 37.25 39.29 -24.02
C ARG A 450 36.13 38.83 -24.95
N VAL A 451 35.03 38.40 -24.33
CA VAL A 451 33.78 38.14 -25.05
C VAL A 451 33.09 39.47 -25.26
N PRO A 452 32.26 39.64 -26.29
CA PRO A 452 31.63 40.95 -26.55
C PRO A 452 30.42 41.27 -25.68
N LEU A 453 30.18 40.50 -24.61
CA LEU A 453 29.17 40.70 -23.56
C LEU A 453 27.75 40.42 -24.05
N ASN A 454 27.59 40.20 -25.37
CA ASN A 454 26.32 39.71 -25.90
C ASN A 454 26.24 38.19 -25.74
N GLU A 455 27.36 37.50 -25.87
CA GLU A 455 27.40 36.04 -25.75
C GLU A 455 27.79 35.58 -24.36
N ILE A 456 28.12 36.49 -23.44
CA ILE A 456 28.38 36.06 -22.07
C ILE A 456 27.06 35.75 -21.34
N VAL A 457 25.94 36.25 -21.84
CA VAL A 457 24.66 35.98 -21.21
C VAL A 457 24.04 34.70 -21.78
N ILE A 458 24.50 34.24 -22.94
CA ILE A 458 24.01 32.97 -23.46
C ILE A 458 24.92 31.81 -23.04
N ARG A 459 26.19 32.08 -22.71
CA ARG A 459 27.06 31.00 -22.25
C ARG A 459 26.87 30.73 -20.76
N ALA A 460 26.68 31.78 -19.96
CA ALA A 460 26.50 31.59 -18.53
C ALA A 460 25.14 30.99 -18.18
N LEU A 461 24.15 31.16 -19.05
CA LEU A 461 22.87 30.48 -18.90
C LEU A 461 22.88 29.07 -19.48
N ASP A 462 23.98 28.65 -20.08
CA ASP A 462 24.12 27.25 -20.48
C ASP A 462 24.72 26.38 -19.39
N LEU A 463 25.35 26.97 -18.37
CA LEU A 463 25.84 26.18 -17.25
C LEU A 463 24.73 25.83 -16.26
N VAL A 464 23.71 26.68 -16.14
CA VAL A 464 22.57 26.31 -15.31
C VAL A 464 21.66 25.31 -16.00
N THR A 465 21.87 25.08 -17.30
CA THR A 465 21.09 24.10 -18.05
C THR A 465 21.64 22.69 -17.85
N VAL A 466 22.97 22.55 -17.81
CA VAL A 466 23.56 21.23 -17.72
C VAL A 466 23.42 20.61 -16.34
N VAL A 467 23.12 21.40 -15.31
CA VAL A 467 22.93 20.85 -13.97
C VAL A 467 21.51 20.39 -13.72
N VAL A 468 20.62 20.53 -14.69
CA VAL A 468 19.27 19.98 -14.58
C VAL A 468 19.16 18.88 -15.63
N PRO A 469 19.37 17.62 -15.27
CA PRO A 469 19.40 16.55 -16.27
C PRO A 469 18.01 16.23 -16.78
N PRO A 470 17.85 16.05 -18.09
CA PRO A 470 16.50 15.85 -18.64
C PRO A 470 15.93 14.47 -18.35
N ALA A 471 16.76 13.50 -18.00
CA ALA A 471 16.31 12.13 -17.80
C ALA A 471 16.05 11.80 -16.34
N LEU A 472 16.03 12.80 -15.47
CA LEU A 472 15.81 12.55 -14.04
C LEU A 472 14.39 12.08 -13.71
N PRO A 473 13.29 12.60 -14.30
CA PRO A 473 11.99 11.96 -14.06
C PRO A 473 11.82 10.64 -14.77
N ALA A 474 12.55 10.37 -15.86
CA ALA A 474 12.42 9.08 -16.52
C ALA A 474 13.20 8.00 -15.79
N ALA A 475 14.33 8.36 -15.19
CA ALA A 475 15.12 7.39 -14.46
C ALA A 475 14.49 7.02 -13.13
N MET A 476 13.77 7.96 -12.52
CA MET A 476 13.05 7.66 -11.28
C MET A 476 11.68 7.05 -11.52
N THR A 477 11.15 7.12 -12.74
CA THR A 477 9.89 6.44 -13.01
C THR A 477 10.11 4.94 -13.19
N VAL A 478 11.10 4.55 -14.00
CA VAL A 478 11.38 3.14 -14.19
C VAL A 478 12.02 2.48 -12.98
N CYS A 479 12.53 3.27 -12.04
CA CYS A 479 12.94 2.73 -10.74
C CYS A 479 11.76 2.17 -9.96
N THR A 480 10.56 2.68 -10.22
CA THR A 480 9.33 2.26 -9.57
C THR A 480 8.53 1.26 -10.40
N LEU A 481 8.62 1.33 -11.73
CA LEU A 481 7.96 0.34 -12.57
C LEU A 481 8.68 -1.00 -12.55
N TYR A 482 10.00 -0.99 -12.37
CA TYR A 482 10.72 -2.26 -12.24
C TYR A 482 10.43 -2.92 -10.91
N ALA A 483 10.19 -2.14 -9.86
CA ALA A 483 9.92 -2.69 -8.55
C ALA A 483 8.56 -3.36 -8.51
N GLN A 484 7.55 -2.75 -9.12
CA GLN A 484 6.22 -3.33 -9.16
C GLN A 484 6.17 -4.54 -10.08
N SER A 485 7.04 -4.59 -11.07
CA SER A 485 7.08 -5.73 -11.98
C SER A 485 7.83 -6.91 -11.39
N ARG A 486 8.75 -6.68 -10.46
CA ARG A 486 9.42 -7.80 -9.81
C ARG A 486 8.55 -8.47 -8.76
N LEU A 487 7.70 -7.69 -8.08
CA LEU A 487 6.78 -8.28 -7.11
C LEU A 487 5.70 -9.10 -7.79
N ARG A 488 5.24 -8.65 -8.96
CA ARG A 488 4.14 -9.32 -9.65
C ARG A 488 4.53 -10.71 -10.15
N ARG A 489 5.80 -10.89 -10.53
CA ARG A 489 6.26 -12.22 -10.91
C ARG A 489 6.40 -13.14 -9.71
N GLN A 490 6.66 -12.57 -8.53
CA GLN A 490 6.71 -13.35 -7.30
C GLN A 490 5.35 -13.60 -6.68
N GLY A 491 4.27 -13.09 -7.28
CA GLY A 491 2.93 -13.33 -6.80
C GLY A 491 2.34 -12.19 -6.00
N ILE A 492 3.15 -11.26 -5.52
CA ILE A 492 2.65 -10.15 -4.72
C ILE A 492 2.18 -9.05 -5.66
N PHE A 493 1.00 -8.53 -5.42
CA PHE A 493 0.45 -7.47 -6.25
C PHE A 493 0.52 -6.15 -5.49
N CYS A 494 0.11 -5.08 -6.15
CA CYS A 494 0.22 -3.75 -5.55
C CYS A 494 -0.71 -2.79 -6.28
N ILE A 495 -1.22 -1.81 -5.54
CA ILE A 495 -2.06 -0.77 -6.12
C ILE A 495 -1.24 0.51 -6.23
N HIS A 496 -0.73 0.97 -5.08
CA HIS A 496 0.09 2.18 -5.03
C HIS A 496 1.55 1.81 -4.84
N PRO A 497 2.39 1.96 -5.86
CA PRO A 497 3.81 1.61 -5.70
C PRO A 497 4.62 2.62 -4.89
N LEU A 498 4.01 3.65 -4.32
CA LEU A 498 4.71 4.56 -3.44
C LEU A 498 4.82 4.04 -2.02
N ARG A 499 4.25 2.88 -1.72
CA ARG A 499 4.43 2.22 -0.44
C ARG A 499 5.36 1.02 -0.52
N ILE A 500 5.93 0.75 -1.70
CA ILE A 500 6.96 -0.28 -1.81
C ILE A 500 8.22 0.16 -1.08
N ASN A 501 8.52 1.46 -1.10
CA ASN A 501 9.66 1.98 -0.36
C ASN A 501 9.46 1.95 1.14
N LEU A 502 8.22 1.83 1.61
CA LEU A 502 7.95 1.58 3.02
C LEU A 502 8.23 0.15 3.44
N GLY A 503 8.38 -0.78 2.48
CA GLY A 503 8.71 -2.15 2.83
C GLY A 503 10.09 -2.30 3.42
N GLY A 504 11.03 -1.48 2.97
CA GLY A 504 12.37 -1.50 3.52
C GLY A 504 12.53 -0.82 4.86
N LYS A 505 11.46 -0.25 5.39
CA LYS A 505 11.52 0.47 6.66
C LYS A 505 10.75 -0.25 7.77
N LEU A 506 10.28 -1.47 7.53
CA LEU A 506 9.48 -2.19 8.50
C LEU A 506 10.34 -2.57 9.70
N GLN A 507 9.94 -2.10 10.86
CA GLN A 507 10.58 -2.42 12.13
C GLN A 507 9.75 -3.38 12.96
N LEU A 508 8.54 -3.70 12.50
CA LEU A 508 7.59 -4.51 13.22
C LEU A 508 6.57 -5.05 12.24
N VAL A 509 6.22 -6.33 12.36
CA VAL A 509 5.17 -6.96 11.56
C VAL A 509 4.26 -7.72 12.51
N CYS A 510 2.96 -7.52 12.37
CA CYS A 510 1.96 -8.24 13.15
C CYS A 510 1.34 -9.36 12.32
N PHE A 511 1.06 -10.50 12.94
CA PHE A 511 0.49 -11.64 12.22
C PHE A 511 -0.76 -12.19 12.88
N ASP A 512 -1.63 -12.82 12.09
CA ASP A 512 -2.84 -13.45 12.63
C ASP A 512 -2.61 -14.96 12.55
N LYS A 513 -2.83 -15.64 13.66
CA LYS A 513 -2.57 -17.07 13.78
C LYS A 513 -3.30 -18.15 12.97
N THR A 514 -4.61 -18.06 12.79
CA THR A 514 -5.31 -19.14 12.14
C THR A 514 -5.44 -18.87 10.65
N GLY A 515 -4.99 -19.81 9.83
CA GLY A 515 -5.00 -19.63 8.40
C GLY A 515 -3.90 -18.75 7.84
N THR A 516 -3.11 -18.10 8.71
CA THR A 516 -1.98 -17.29 8.29
C THR A 516 -0.66 -17.89 8.77
N LEU A 517 -0.49 -18.07 10.08
CA LEU A 517 0.65 -18.82 10.59
C LEU A 517 0.37 -20.32 10.55
N THR A 518 -0.86 -20.73 10.77
CA THR A 518 -1.24 -22.13 10.79
C THR A 518 -2.03 -22.47 9.53
N GLU A 519 -2.37 -23.75 9.39
CA GLU A 519 -3.13 -24.19 8.23
C GLU A 519 -4.60 -23.82 8.43
N ASP A 520 -5.26 -23.41 7.35
CA ASP A 520 -6.67 -23.01 7.47
C ASP A 520 -7.57 -24.23 7.64
N GLY A 521 -7.15 -25.39 7.14
CA GLY A 521 -7.92 -26.59 7.36
C GLY A 521 -7.73 -27.12 8.77
N LEU A 522 -8.76 -27.79 9.27
CA LEU A 522 -8.78 -28.36 10.61
C LEU A 522 -8.91 -29.87 10.53
N ASP A 523 -8.76 -30.53 11.68
CA ASP A 523 -9.14 -31.92 11.83
C ASP A 523 -9.61 -32.15 13.26
N VAL A 524 -10.68 -32.89 13.40
CA VAL A 524 -11.30 -33.09 14.70
C VAL A 524 -10.53 -34.15 15.48
N MET A 525 -10.51 -34.00 16.80
CA MET A 525 -9.92 -34.99 17.67
C MET A 525 -10.92 -35.73 18.54
N GLY A 526 -12.11 -35.16 18.74
CA GLY A 526 -13.14 -35.81 19.53
C GLY A 526 -13.72 -34.91 20.60
N VAL A 527 -14.99 -35.11 20.87
CA VAL A 527 -15.70 -34.28 21.84
C VAL A 527 -15.38 -34.75 23.26
N VAL A 528 -15.44 -33.83 24.21
CA VAL A 528 -15.27 -34.16 25.62
C VAL A 528 -16.61 -33.91 26.29
N PRO A 529 -17.47 -34.93 26.44
CA PRO A 529 -18.84 -34.68 26.90
C PRO A 529 -18.93 -34.35 28.37
N LEU A 530 -20.15 -34.08 28.84
CA LEU A 530 -20.39 -33.75 30.23
C LEU A 530 -21.70 -34.41 30.66
N LYS A 531 -21.67 -35.11 31.80
CA LYS A 531 -22.86 -35.74 32.37
C LYS A 531 -22.94 -35.33 33.84
N GLY A 532 -23.52 -34.15 34.09
CA GLY A 532 -23.68 -33.65 35.44
C GLY A 532 -22.40 -33.28 36.15
N GLN A 533 -21.71 -32.26 35.62
CA GLN A 533 -20.47 -31.70 36.18
C GLN A 533 -19.38 -32.77 36.31
N ALA A 534 -19.20 -33.54 35.25
CA ALA A 534 -18.36 -34.74 35.33
C ALA A 534 -17.12 -34.69 34.46
N PHE A 535 -17.26 -34.27 33.20
CA PHE A 535 -16.28 -34.51 32.13
C PHE A 535 -15.92 -35.99 32.02
N LEU A 536 -16.91 -36.77 31.60
CA LEU A 536 -16.65 -38.13 31.16
C LEU A 536 -15.71 -38.08 29.95
N PRO A 537 -14.81 -39.07 29.79
CA PRO A 537 -13.66 -38.91 28.90
C PRO A 537 -13.99 -38.79 27.42
N LEU A 538 -12.95 -38.50 26.65
CA LEU A 538 -13.08 -38.06 25.28
C LEU A 538 -13.60 -39.16 24.36
N VAL A 539 -14.47 -38.79 23.43
CA VAL A 539 -15.01 -39.70 22.43
C VAL A 539 -14.35 -39.35 21.10
N PRO A 540 -13.29 -40.05 20.69
CA PRO A 540 -12.53 -39.62 19.51
C PRO A 540 -13.24 -39.86 18.18
N GLU A 541 -14.31 -40.64 18.15
CA GLU A 541 -15.11 -40.84 16.95
C GLU A 541 -16.54 -40.48 17.30
N PRO A 542 -16.96 -39.24 17.03
CA PRO A 542 -18.29 -38.78 17.47
C PRO A 542 -19.46 -39.29 16.66
N ARG A 543 -19.30 -40.29 15.80
CA ARG A 543 -20.46 -41.01 15.28
C ARG A 543 -20.81 -42.23 16.12
N ARG A 544 -20.32 -42.28 17.36
CA ARG A 544 -20.53 -43.40 18.26
C ARG A 544 -21.36 -43.06 19.49
N LEU A 545 -21.30 -41.82 19.98
CA LEU A 545 -22.07 -41.45 21.16
C LEU A 545 -23.55 -41.36 20.78
N PRO A 546 -24.46 -41.70 21.71
CA PRO A 546 -25.87 -41.91 21.32
C PRO A 546 -26.59 -40.61 21.00
N VAL A 547 -27.79 -40.78 20.47
CA VAL A 547 -28.63 -39.65 20.04
C VAL A 547 -29.12 -38.93 21.30
N GLY A 548 -28.61 -37.72 21.51
CA GLY A 548 -29.00 -36.90 22.62
C GLY A 548 -28.89 -35.44 22.26
N PRO A 549 -28.70 -34.58 23.26
CA PRO A 549 -28.55 -33.15 22.96
C PRO A 549 -27.21 -32.81 22.34
N LEU A 550 -26.16 -33.59 22.60
CA LEU A 550 -24.84 -33.23 22.09
C LEU A 550 -24.65 -33.72 20.66
N LEU A 551 -25.20 -34.89 20.32
CA LEU A 551 -25.04 -35.42 18.96
C LEU A 551 -25.81 -34.57 17.95
N ARG A 552 -26.96 -34.04 18.35
CA ARG A 552 -27.69 -33.11 17.50
C ARG A 552 -27.06 -31.74 17.48
N ALA A 553 -26.22 -31.41 18.46
CA ALA A 553 -25.61 -30.08 18.52
C ALA A 553 -24.57 -29.91 17.41
N LEU A 554 -23.59 -30.80 17.34
CA LEU A 554 -22.54 -30.64 16.35
C LEU A 554 -22.96 -31.10 14.96
N ALA A 555 -24.19 -31.57 14.77
CA ALA A 555 -24.70 -31.92 13.46
C ALA A 555 -25.65 -30.88 12.89
N THR A 556 -26.09 -29.91 13.71
CA THR A 556 -27.06 -28.91 13.26
C THR A 556 -26.68 -27.47 13.55
N CYS A 557 -25.71 -27.22 14.44
CA CYS A 557 -25.33 -25.84 14.77
C CYS A 557 -24.25 -25.33 13.83
N HIS A 558 -24.63 -25.22 12.55
CA HIS A 558 -23.70 -24.86 11.49
C HIS A 558 -24.40 -23.95 10.50
N ALA A 559 -23.65 -23.52 9.48
CA ALA A 559 -24.16 -22.61 8.46
C ALA A 559 -23.79 -23.03 7.05
N LEU A 560 -23.25 -24.23 6.86
CA LEU A 560 -22.93 -24.67 5.51
C LEU A 560 -24.19 -25.02 4.73
N SER A 561 -24.09 -24.90 3.41
CA SER A 561 -25.24 -25.00 2.54
C SER A 561 -24.99 -26.00 1.43
N ARG A 562 -26.08 -26.61 0.97
CA ARG A 562 -26.07 -27.67 -0.04
C ARG A 562 -26.01 -27.01 -1.41
N LEU A 563 -24.81 -26.89 -1.96
CA LEU A 563 -24.58 -26.07 -3.16
C LEU A 563 -23.73 -26.82 -4.17
N GLN A 564 -24.38 -27.33 -5.22
CA GLN A 564 -23.77 -27.91 -6.42
C GLN A 564 -22.88 -29.10 -6.08
N ASP A 565 -23.53 -30.15 -5.58
CA ASP A 565 -23.04 -31.52 -5.35
C ASP A 565 -22.04 -31.64 -4.21
N THR A 566 -21.59 -30.53 -3.61
CA THR A 566 -20.66 -30.54 -2.49
C THR A 566 -21.16 -29.57 -1.43
N PRO A 567 -21.00 -29.91 -0.15
CA PRO A 567 -21.31 -28.94 0.91
C PRO A 567 -20.23 -27.86 0.96
N VAL A 568 -20.67 -26.62 1.17
CA VAL A 568 -19.80 -25.44 1.13
C VAL A 568 -20.05 -24.61 2.38
N GLY A 569 -18.98 -24.27 3.11
CA GLY A 569 -19.13 -23.43 4.27
C GLY A 569 -17.87 -23.13 5.06
N ASP A 570 -18.04 -22.89 6.36
CA ASP A 570 -16.94 -22.62 7.26
C ASP A 570 -16.08 -23.87 7.42
N PRO A 571 -14.74 -23.75 7.34
CA PRO A 571 -13.88 -24.93 7.57
C PRO A 571 -14.02 -25.58 8.94
N MET A 572 -14.49 -24.87 9.96
CA MET A 572 -14.85 -25.55 11.20
C MET A 572 -16.14 -26.34 11.03
N ASP A 573 -17.13 -25.75 10.35
CA ASP A 573 -18.43 -26.39 10.23
C ASP A 573 -18.42 -27.54 9.24
N LEU A 574 -17.49 -27.52 8.28
CA LEU A 574 -17.36 -28.64 7.35
C LEU A 574 -16.80 -29.88 8.02
N LYS A 575 -16.10 -29.73 9.15
CA LYS A 575 -15.43 -30.86 9.78
C LYS A 575 -16.27 -31.54 10.85
N MET A 576 -16.97 -30.77 11.68
CA MET A 576 -17.75 -31.40 12.74
C MET A 576 -19.03 -32.05 12.22
N VAL A 577 -19.47 -31.70 11.02
CA VAL A 577 -20.57 -32.43 10.40
C VAL A 577 -20.03 -33.68 9.72
N GLU A 578 -18.82 -33.58 9.15
CA GLU A 578 -18.15 -34.78 8.64
C GLU A 578 -17.73 -35.70 9.77
N SER A 579 -17.53 -35.15 10.98
CA SER A 579 -17.11 -35.94 12.12
C SER A 579 -18.18 -36.92 12.56
N THR A 580 -19.45 -36.58 12.36
CA THR A 580 -20.56 -37.49 12.66
C THR A 580 -21.19 -38.09 11.42
N GLY A 581 -21.06 -37.42 10.28
CA GLY A 581 -21.63 -37.84 9.02
C GLY A 581 -23.13 -38.07 8.97
N PRO A 582 -23.96 -37.00 9.10
CA PRO A 582 -25.35 -37.15 8.68
C PRO A 582 -25.55 -36.62 7.28
N GLN A 583 -26.72 -36.90 6.70
CA GLN A 583 -27.09 -36.28 5.44
C GLN A 583 -27.43 -34.80 5.66
N LEU A 584 -27.40 -34.04 4.56
CA LEU A 584 -27.74 -32.63 4.59
C LEU A 584 -28.77 -32.43 3.48
N GLN A 585 -30.04 -32.28 3.87
CA GLN A 585 -31.19 -32.13 2.97
C GLN A 585 -31.29 -33.22 1.92
N VAL A 592 -32.89 -35.93 10.14
CA VAL A 592 -34.18 -36.00 10.83
C VAL A 592 -34.47 -34.75 11.70
N PRO A 593 -33.51 -34.18 12.45
CA PRO A 593 -33.75 -32.84 12.98
C PRO A 593 -33.63 -31.79 11.88
N VAL A 594 -34.54 -30.83 11.90
CA VAL A 594 -34.55 -29.75 10.92
C VAL A 594 -34.19 -28.46 11.64
N SER A 595 -33.62 -27.53 10.87
CA SER A 595 -33.22 -26.24 11.40
C SER A 595 -34.38 -25.26 11.24
N VAL A 596 -34.89 -24.77 12.35
CA VAL A 596 -35.99 -23.80 12.30
C VAL A 596 -35.50 -22.47 11.78
N LEU A 597 -34.49 -21.89 12.45
CA LEU A 597 -33.94 -20.61 12.04
C LEU A 597 -32.54 -20.45 12.62
N HIS A 598 -31.60 -19.98 11.80
CA HIS A 598 -30.27 -19.66 12.28
C HIS A 598 -30.36 -18.40 13.12
N ARG A 599 -30.58 -18.56 14.43
CA ARG A 599 -30.90 -17.44 15.31
C ARG A 599 -29.76 -16.45 15.45
N PHE A 600 -28.53 -16.87 15.21
CA PHE A 600 -27.40 -15.96 15.20
C PHE A 600 -26.29 -16.53 14.32
N PRO A 601 -26.03 -15.94 13.15
CA PRO A 601 -24.83 -16.31 12.39
C PRO A 601 -23.58 -15.86 13.12
N PHE A 602 -22.46 -16.49 12.78
CA PHE A 602 -21.21 -16.21 13.48
C PHE A 602 -20.66 -14.86 13.09
N SER A 603 -20.46 -14.00 14.08
CA SER A 603 -19.71 -12.77 13.94
C SER A 603 -18.45 -12.89 14.79
N SER A 604 -17.34 -12.37 14.27
CA SER A 604 -16.05 -12.52 14.94
C SER A 604 -15.96 -11.71 16.22
N ALA A 605 -16.76 -10.66 16.37
CA ALA A 605 -16.71 -9.83 17.56
C ALA A 605 -17.51 -10.40 18.72
N LEU A 606 -18.45 -11.31 18.45
CA LEU A 606 -19.27 -11.89 19.50
C LEU A 606 -18.96 -13.35 19.79
N GLN A 607 -18.18 -14.02 18.92
CA GLN A 607 -17.48 -15.26 19.21
C GLN A 607 -18.40 -16.44 19.49
N ARG A 608 -19.59 -16.47 18.88
CA ARG A 608 -20.54 -17.53 19.15
C ARG A 608 -21.49 -17.66 17.97
N MET A 609 -22.32 -18.70 18.02
CA MET A 609 -23.24 -19.00 16.94
C MET A 609 -24.38 -19.86 17.47
N SER A 610 -25.62 -19.47 17.20
CA SER A 610 -26.80 -20.15 17.72
C SER A 610 -27.68 -20.65 16.60
N VAL A 611 -28.25 -21.84 16.78
CA VAL A 611 -29.21 -22.43 15.84
C VAL A 611 -30.34 -23.06 16.66
N VAL A 612 -31.58 -22.72 16.32
CA VAL A 612 -32.77 -23.30 16.95
C VAL A 612 -33.26 -24.45 16.06
N VAL A 613 -33.38 -25.64 16.64
CA VAL A 613 -33.72 -26.83 15.89
C VAL A 613 -35.00 -27.45 16.46
N ALA A 614 -35.60 -28.34 15.68
CA ALA A 614 -36.74 -29.13 16.09
C ALA A 614 -36.76 -30.41 15.26
N TRP A 615 -37.52 -31.40 15.75
CA TRP A 615 -37.57 -32.70 15.12
C TRP A 615 -38.89 -33.35 15.48
N PRO A 616 -39.45 -34.20 14.61
CA PRO A 616 -40.72 -34.86 14.92
C PRO A 616 -40.57 -35.87 16.06
N GLY A 617 -41.27 -35.61 17.16
CA GLY A 617 -41.17 -36.43 18.35
C GLY A 617 -40.63 -35.64 19.52
N ALA A 618 -40.80 -34.32 19.47
CA ALA A 618 -40.32 -33.42 20.51
C ALA A 618 -41.49 -32.64 21.09
N THR A 619 -41.45 -32.41 22.40
CA THR A 619 -42.47 -31.60 23.04
C THR A 619 -42.26 -30.13 22.79
N GLN A 620 -41.02 -29.71 22.55
CA GLN A 620 -40.66 -28.30 22.40
C GLN A 620 -39.33 -28.23 21.68
N PRO A 621 -39.10 -27.18 20.88
CA PRO A 621 -37.81 -27.06 20.18
C PRO A 621 -36.69 -26.67 21.13
N GLU A 622 -35.47 -27.02 20.73
CA GLU A 622 -34.28 -26.72 21.50
C GLU A 622 -33.41 -25.69 20.81
N ALA A 623 -32.57 -25.03 21.60
CA ALA A 623 -31.76 -23.91 21.14
C ALA A 623 -30.29 -24.22 21.41
N TYR A 624 -29.55 -24.56 20.36
CA TYR A 624 -28.15 -24.93 20.45
C TYR A 624 -27.26 -23.70 20.25
N VAL A 625 -26.02 -23.80 20.76
CA VAL A 625 -25.05 -22.71 20.64
C VAL A 625 -23.68 -23.34 20.41
N LYS A 626 -22.74 -22.54 19.92
CA LYS A 626 -21.37 -22.98 19.69
C LYS A 626 -20.48 -21.76 19.68
N GLY A 627 -19.55 -21.69 20.64
CA GLY A 627 -18.69 -20.54 20.70
C GLY A 627 -17.39 -20.84 21.40
N SER A 628 -16.67 -19.77 21.77
CA SER A 628 -15.42 -19.92 22.47
C SER A 628 -15.68 -20.40 23.90
N PRO A 629 -14.79 -21.23 24.47
CA PRO A 629 -15.14 -21.91 25.72
C PRO A 629 -15.23 -21.02 26.95
N GLU A 630 -14.40 -19.99 27.05
CA GLU A 630 -14.49 -19.12 28.22
C GLU A 630 -15.58 -18.07 28.11
N LEU A 631 -16.28 -17.99 26.97
CA LEU A 631 -17.42 -17.10 26.82
C LEU A 631 -18.74 -17.84 26.95
N VAL A 632 -18.82 -19.06 26.44
CA VAL A 632 -20.03 -19.86 26.61
C VAL A 632 -20.20 -20.30 28.07
N ALA A 633 -19.10 -20.71 28.71
CA ALA A 633 -19.17 -21.13 30.10
C ALA A 633 -19.44 -19.99 31.06
N GLY A 634 -19.24 -18.75 30.62
CA GLY A 634 -19.61 -17.63 31.47
C GLY A 634 -21.11 -17.50 31.30
N LEU A 635 -21.60 -17.63 30.06
CA LEU A 635 -23.03 -17.52 29.78
C LEU A 635 -23.92 -18.61 30.39
N CYS A 636 -23.47 -19.86 30.38
CA CYS A 636 -24.29 -20.98 30.87
C CYS A 636 -24.71 -20.91 32.33
N ASN A 637 -25.77 -21.63 32.70
CA ASN A 637 -26.19 -21.70 34.09
C ASN A 637 -25.00 -22.20 34.92
N PRO A 638 -24.57 -21.47 35.96
CA PRO A 638 -23.38 -21.90 36.73
C PRO A 638 -23.55 -23.17 37.54
N GLU A 639 -24.76 -23.74 37.60
CA GLU A 639 -24.96 -25.05 38.22
C GLU A 639 -24.65 -26.21 37.26
N THR A 640 -24.17 -25.92 36.06
CA THR A 640 -23.85 -26.95 35.09
C THR A 640 -22.37 -27.01 34.75
N VAL A 641 -21.70 -25.88 34.63
CA VAL A 641 -20.26 -25.88 34.41
C VAL A 641 -19.54 -26.28 35.70
N PRO A 642 -18.66 -27.27 35.67
CA PRO A 642 -18.06 -27.77 36.91
C PRO A 642 -16.91 -26.88 37.38
N THR A 643 -16.29 -27.31 38.48
CA THR A 643 -15.24 -26.52 39.13
C THR A 643 -13.89 -26.64 38.43
N ASP A 644 -13.68 -27.68 37.64
CA ASP A 644 -12.41 -27.90 36.94
C ASP A 644 -12.50 -27.56 35.47
N PHE A 645 -13.26 -26.53 35.09
CA PHE A 645 -13.37 -26.17 33.69
C PHE A 645 -12.12 -25.46 33.19
N ALA A 646 -11.46 -24.68 34.04
CA ALA A 646 -10.23 -24.02 33.65
C ALA A 646 -9.06 -24.99 33.55
N GLN A 647 -9.14 -26.13 34.24
CA GLN A 647 -8.09 -27.13 34.18
C GLN A 647 -8.32 -28.13 33.05
N MET A 648 -9.58 -28.50 32.80
CA MET A 648 -9.89 -29.37 31.68
C MET A 648 -9.75 -28.67 30.34
N LEU A 649 -9.88 -27.34 30.31
CA LEU A 649 -9.63 -26.60 29.08
C LEU A 649 -8.14 -26.47 28.81
N GLN A 650 -7.35 -26.15 29.84
CA GLN A 650 -5.92 -25.95 29.68
C GLN A 650 -5.19 -27.25 29.40
N SER A 651 -5.77 -28.40 29.75
CA SER A 651 -5.17 -29.68 29.40
C SER A 651 -5.19 -29.92 27.89
N TYR A 652 -6.13 -29.30 27.18
CA TYR A 652 -6.20 -29.38 25.73
C TYR A 652 -5.67 -28.14 25.04
N THR A 653 -5.97 -26.94 25.56
CA THR A 653 -5.62 -25.74 24.82
C THR A 653 -4.18 -25.31 25.04
N ALA A 654 -3.47 -25.89 26.00
CA ALA A 654 -2.04 -25.66 26.13
C ALA A 654 -1.21 -26.77 25.52
N ALA A 655 -1.87 -27.77 24.91
CA ALA A 655 -1.20 -28.73 24.05
C ALA A 655 -1.25 -28.30 22.59
N GLY A 656 -1.78 -27.11 22.31
CA GLY A 656 -1.85 -26.60 20.96
C GLY A 656 -3.10 -26.93 20.20
N TYR A 657 -4.20 -27.19 20.88
CA TYR A 657 -5.45 -27.57 20.22
C TYR A 657 -6.39 -26.39 20.08
N ARG A 658 -7.36 -26.55 19.18
CA ARG A 658 -8.39 -25.57 18.89
C ARG A 658 -9.69 -26.06 19.52
N VAL A 659 -10.13 -25.41 20.58
CA VAL A 659 -11.25 -25.89 21.39
C VAL A 659 -12.39 -24.89 21.32
N VAL A 660 -13.59 -25.38 21.02
CA VAL A 660 -14.82 -24.61 21.13
C VAL A 660 -15.77 -25.38 22.04
N ALA A 661 -16.80 -24.69 22.52
CA ALA A 661 -17.76 -25.27 23.44
C ALA A 661 -19.13 -25.38 22.79
N LEU A 662 -20.01 -26.16 23.42
CA LEU A 662 -21.36 -26.42 22.94
C LEU A 662 -22.30 -26.40 24.13
N ALA A 663 -23.51 -25.87 23.93
CA ALA A 663 -24.50 -25.79 25.00
C ALA A 663 -25.90 -25.70 24.40
N SER A 664 -26.90 -26.01 25.22
CA SER A 664 -28.27 -26.08 24.76
C SER A 664 -29.20 -25.45 25.79
N LYS A 665 -30.46 -25.26 25.37
CA LYS A 665 -31.57 -24.78 26.18
C LYS A 665 -32.87 -25.08 25.44
N PRO A 666 -33.86 -25.66 26.10
CA PRO A 666 -35.15 -25.90 25.46
C PRO A 666 -35.99 -24.63 25.39
N LEU A 667 -36.73 -24.50 24.29
CA LEU A 667 -37.57 -23.32 24.07
C LEU A 667 -39.04 -23.70 24.17
N PRO A 668 -39.78 -23.19 25.18
CA PRO A 668 -41.23 -23.44 25.32
C PRO A 668 -42.05 -22.82 24.19
N THR A 680 -36.43 -14.88 16.22
CA THR A 680 -36.68 -14.25 17.50
C THR A 680 -35.57 -13.28 17.86
N ARG A 681 -35.48 -12.95 19.15
CA ARG A 681 -34.42 -12.09 19.67
C ARG A 681 -33.25 -12.97 20.13
N ASP A 682 -32.33 -12.40 20.91
CA ASP A 682 -31.22 -13.15 21.49
C ASP A 682 -31.52 -13.57 22.92
N THR A 683 -32.78 -13.95 23.17
CA THR A 683 -33.15 -14.68 24.37
C THR A 683 -32.58 -16.10 24.35
N VAL A 684 -32.20 -16.59 23.15
CA VAL A 684 -31.59 -17.90 22.96
C VAL A 684 -30.28 -18.03 23.76
N GLU A 685 -29.51 -16.95 23.86
CA GLU A 685 -28.17 -17.01 24.46
C GLU A 685 -28.25 -16.53 25.90
N GLY A 686 -28.30 -17.48 26.83
CA GLY A 686 -28.42 -17.18 28.24
C GLY A 686 -29.18 -18.28 28.95
N ASP A 687 -28.77 -18.60 30.18
CA ASP A 687 -29.30 -19.70 30.99
C ASP A 687 -29.20 -21.04 30.25
N LEU A 688 -28.02 -21.30 29.71
CA LEU A 688 -27.78 -22.52 28.94
C LEU A 688 -27.27 -23.64 29.86
N SER A 689 -27.15 -24.83 29.28
CA SER A 689 -26.59 -25.99 29.96
C SER A 689 -25.43 -26.50 29.14
N LEU A 690 -24.24 -26.59 29.75
CA LEU A 690 -23.02 -26.91 29.01
C LEU A 690 -23.03 -28.37 28.57
N LEU A 691 -22.83 -28.59 27.28
CA LEU A 691 -22.85 -29.92 26.68
C LEU A 691 -21.47 -30.56 26.64
N GLY A 692 -20.52 -29.95 25.97
CA GLY A 692 -19.19 -30.52 25.88
C GLY A 692 -18.24 -29.65 25.10
N LEU A 693 -16.96 -29.95 25.23
CA LEU A 693 -15.91 -29.28 24.48
C LEU A 693 -15.59 -30.08 23.24
N LEU A 694 -15.38 -29.37 22.13
CA LEU A 694 -15.00 -29.99 20.87
C LEU A 694 -13.56 -29.59 20.59
N VAL A 695 -12.69 -30.59 20.43
CA VAL A 695 -11.24 -30.38 20.38
C VAL A 695 -10.76 -30.65 18.96
N MET A 696 -10.10 -29.67 18.37
CA MET A 696 -9.54 -29.77 17.03
C MET A 696 -8.07 -29.41 17.06
N ARG A 697 -7.34 -29.87 16.05
CA ARG A 697 -5.90 -29.65 15.96
C ARG A 697 -5.61 -28.70 14.80
N ASN A 698 -4.73 -27.73 15.04
CA ASN A 698 -4.37 -26.74 14.05
C ASN A 698 -2.85 -26.72 13.92
N LEU A 699 -2.35 -27.21 12.79
CA LEU A 699 -0.92 -27.33 12.57
C LEU A 699 -0.39 -26.12 11.82
N LEU A 700 0.88 -25.78 12.11
CA LEU A 700 1.55 -24.71 11.40
C LEU A 700 1.80 -25.09 9.94
N LYS A 701 1.93 -24.06 9.11
CA LYS A 701 2.35 -24.25 7.74
C LYS A 701 3.82 -24.65 7.71
N PRO A 702 4.26 -25.34 6.65
CA PRO A 702 5.69 -25.67 6.54
C PRO A 702 6.59 -24.46 6.36
N GLN A 703 6.06 -23.36 5.85
CA GLN A 703 6.85 -22.17 5.56
C GLN A 703 6.84 -21.14 6.67
N THR A 704 6.12 -21.39 7.75
CA THR A 704 5.97 -20.38 8.80
C THR A 704 7.24 -20.24 9.64
N THR A 705 7.81 -21.36 10.07
CA THR A 705 8.94 -21.38 11.00
C THR A 705 10.25 -20.80 10.42
N PRO A 706 10.66 -21.05 9.15
CA PRO A 706 11.85 -20.34 8.67
C PRO A 706 11.67 -18.85 8.48
N VAL A 707 10.44 -18.39 8.24
CA VAL A 707 10.20 -16.97 8.00
C VAL A 707 10.27 -16.17 9.30
N ILE A 708 9.67 -16.69 10.37
CA ILE A 708 9.69 -16.00 11.66
C ILE A 708 11.10 -15.97 12.22
N GLN A 709 11.87 -17.04 12.02
CA GLN A 709 13.26 -17.05 12.47
C GLN A 709 14.17 -16.18 11.61
N ALA A 710 13.80 -15.94 10.35
CA ALA A 710 14.55 -14.99 9.53
C ALA A 710 14.28 -13.56 9.98
N LEU A 711 13.04 -13.27 10.40
CA LEU A 711 12.72 -11.93 10.86
C LEU A 711 13.35 -11.64 12.22
N ARG A 712 13.37 -12.63 13.11
CA ARG A 712 14.00 -12.47 14.42
C ARG A 712 15.50 -12.29 14.31
N ARG A 713 16.11 -12.86 13.26
CA ARG A 713 17.56 -12.75 13.10
C ARG A 713 17.96 -11.34 12.68
N THR A 714 17.14 -10.69 11.85
CA THR A 714 17.47 -9.40 11.29
C THR A 714 16.85 -8.24 12.07
N ARG A 715 16.54 -8.46 13.36
CA ARG A 715 16.07 -7.45 14.30
C ARG A 715 14.75 -6.79 13.86
N ILE A 716 13.93 -7.51 13.10
CA ILE A 716 12.57 -7.09 12.78
C ILE A 716 11.64 -7.85 13.71
N ARG A 717 10.87 -7.12 14.50
CA ARG A 717 10.07 -7.72 15.56
C ARG A 717 8.81 -8.35 14.99
N ALA A 718 8.45 -9.52 15.50
CA ALA A 718 7.26 -10.24 15.09
C ALA A 718 6.29 -10.33 16.25
N VAL A 719 5.01 -10.07 15.97
CA VAL A 719 3.97 -9.98 17.00
C VAL A 719 2.78 -10.84 16.59
N MET A 720 2.39 -11.76 17.47
CA MET A 720 1.16 -12.52 17.32
C MET A 720 -0.05 -11.63 17.62
N VAL A 721 -0.98 -11.57 16.69
CA VAL A 721 -2.26 -10.87 16.89
C VAL A 721 -3.36 -11.80 16.40
N THR A 722 -4.13 -12.33 17.34
CA THR A 722 -5.17 -13.30 16.98
C THR A 722 -6.39 -13.09 17.87
N GLY A 723 -7.50 -13.71 17.47
CA GLY A 723 -8.71 -13.75 18.26
C GLY A 723 -8.94 -15.07 18.95
N ASP A 724 -8.02 -16.01 18.81
CA ASP A 724 -8.10 -17.35 19.38
C ASP A 724 -7.69 -17.30 20.85
N ASN A 725 -7.68 -18.47 21.49
CA ASN A 725 -7.45 -18.58 22.93
C ASN A 725 -6.01 -18.19 23.27
N LEU A 726 -5.81 -17.80 24.54
CA LEU A 726 -4.50 -17.32 24.96
C LEU A 726 -3.49 -18.46 25.05
N GLN A 727 -3.83 -19.55 25.74
CA GLN A 727 -2.88 -20.65 25.88
C GLN A 727 -2.66 -21.41 24.58
N THR A 728 -3.57 -21.30 23.61
CA THR A 728 -3.29 -21.85 22.29
C THR A 728 -2.33 -20.95 21.52
N ALA A 729 -2.52 -19.64 21.63
CA ALA A 729 -1.68 -18.70 20.89
C ALA A 729 -0.25 -18.65 21.43
N VAL A 730 -0.05 -19.01 22.69
CA VAL A 730 1.30 -19.06 23.24
C VAL A 730 2.03 -20.30 22.75
N THR A 731 1.35 -21.45 22.68
CA THR A 731 2.00 -22.66 22.19
C THR A 731 2.12 -22.69 20.67
N VAL A 732 1.56 -21.72 19.95
CA VAL A 732 1.88 -21.53 18.54
C VAL A 732 3.04 -20.56 18.38
N ALA A 733 3.11 -19.53 19.24
CA ALA A 733 4.21 -18.58 19.21
C ALA A 733 5.53 -19.17 19.69
N ARG A 734 5.53 -20.39 20.22
CA ARG A 734 6.75 -21.12 20.49
C ARG A 734 7.12 -22.09 19.37
N GLY A 735 6.12 -22.74 18.77
CA GLY A 735 6.38 -23.72 17.73
C GLY A 735 6.88 -23.12 16.43
N CYS A 736 6.57 -21.85 16.17
CA CYS A 736 7.11 -21.17 15.01
C CYS A 736 8.27 -20.24 15.35
N GLY A 737 8.25 -19.60 16.51
CA GLY A 737 9.43 -18.89 16.96
C GLY A 737 9.33 -17.42 17.30
N MET A 738 8.15 -16.92 17.67
CA MET A 738 8.10 -15.59 18.29
C MET A 738 8.81 -15.60 19.63
N VAL A 739 8.71 -16.71 20.38
CA VAL A 739 9.41 -16.88 21.64
C VAL A 739 10.29 -18.12 21.51
N ALA A 740 11.60 -17.91 21.48
CA ALA A 740 12.55 -19.01 21.48
C ALA A 740 12.57 -19.66 22.86
N PRO A 741 13.02 -20.91 22.97
CA PRO A 741 13.26 -21.48 24.31
C PRO A 741 14.40 -20.77 25.01
N GLN A 742 14.38 -20.88 26.35
CA GLN A 742 15.18 -20.06 27.26
C GLN A 742 14.93 -18.56 27.02
N GLU A 743 13.68 -18.20 26.80
CA GLU A 743 13.22 -16.82 26.79
C GLU A 743 11.93 -16.74 27.59
N HIS A 744 11.95 -15.96 28.66
CA HIS A 744 10.80 -15.88 29.56
C HIS A 744 9.72 -14.98 28.99
N LEU A 745 8.47 -15.35 29.19
CA LEU A 745 7.35 -14.48 28.86
C LEU A 745 6.36 -14.50 30.01
N ILE A 746 5.63 -13.39 30.15
CA ILE A 746 4.70 -13.19 31.25
C ILE A 746 3.31 -12.97 30.68
N ILE A 747 2.33 -13.67 31.22
CA ILE A 747 0.93 -13.35 30.95
C ILE A 747 0.49 -12.31 31.97
N VAL A 748 -0.05 -11.19 31.49
CA VAL A 748 -0.41 -10.13 32.43
C VAL A 748 -1.78 -10.45 33.05
N HIS A 749 -2.83 -10.46 32.23
CA HIS A 749 -4.21 -10.74 32.63
C HIS A 749 -4.69 -9.78 33.73
N ALA A 750 -4.89 -8.53 33.31
CA ALA A 750 -5.61 -7.57 34.14
C ALA A 750 -7.03 -8.04 34.39
N THR A 751 -7.54 -7.71 35.57
CA THR A 751 -8.90 -8.07 35.95
C THR A 751 -9.90 -7.18 35.22
N GLY A 752 -11.15 -7.66 35.14
CA GLY A 752 -12.23 -6.84 34.58
C GLY A 752 -12.61 -5.69 35.50
N GLN A 753 -12.34 -5.84 36.79
CA GLN A 753 -12.40 -4.74 37.73
C GLN A 753 -11.24 -3.77 37.47
N PRO A 754 -11.31 -2.52 37.98
CA PRO A 754 -10.20 -1.58 37.76
C PRO A 754 -8.94 -1.82 38.60
N ALA A 755 -8.78 -3.00 39.17
CA ALA A 755 -7.62 -3.34 40.00
C ALA A 755 -6.38 -3.58 39.12
N SER A 756 -5.32 -4.10 39.74
CA SER A 756 -3.99 -4.12 39.15
C SER A 756 -3.86 -5.25 38.12
N LEU A 757 -2.61 -5.53 37.74
CA LEU A 757 -2.30 -6.38 36.60
C LEU A 757 -1.99 -7.83 36.98
N GLU A 758 -1.41 -8.05 38.16
CA GLU A 758 -1.25 -9.32 38.89
C GLU A 758 -0.16 -10.25 38.34
N PHE A 759 0.24 -10.07 37.07
CA PHE A 759 1.34 -10.84 36.46
C PHE A 759 1.49 -12.33 36.74
N LEU A 760 1.04 -13.16 35.82
CA LEU A 760 1.19 -14.60 35.98
C LEU A 760 2.31 -15.12 35.10
N PRO A 761 3.46 -15.46 35.69
CA PRO A 761 4.62 -15.92 34.91
C PRO A 761 4.41 -17.26 34.23
N MET A 762 4.98 -17.44 33.04
CA MET A 762 4.86 -18.71 32.33
C MET A 762 6.15 -19.51 32.40
N GLU A 763 6.07 -20.76 32.86
CA GLU A 763 7.24 -21.62 32.98
C GLU A 763 7.09 -22.77 32.01
N SER A 764 8.01 -22.88 31.05
CA SER A 764 8.01 -23.97 30.09
C SER A 764 9.42 -24.25 29.59
N SER A 788 15.67 -11.39 27.66
CA SER A 788 14.70 -10.75 26.77
C SER A 788 13.28 -11.11 27.18
N ARG A 789 12.65 -10.21 27.94
CA ARG A 789 11.29 -10.43 28.40
C ARG A 789 10.31 -10.30 27.25
N HIS A 790 9.29 -11.16 27.25
CA HIS A 790 8.14 -11.03 26.37
C HIS A 790 6.89 -10.91 27.22
N LEU A 791 5.79 -10.52 26.57
CA LEU A 791 4.52 -10.38 27.27
C LEU A 791 3.41 -10.97 26.42
N ALA A 792 2.42 -11.56 27.10
CA ALA A 792 1.21 -12.06 26.47
C ALA A 792 0.01 -11.41 27.12
N LEU A 793 -0.94 -10.99 26.28
CA LEU A 793 -2.13 -10.30 26.76
C LEU A 793 -3.38 -11.01 26.26
N SER A 794 -4.45 -10.82 27.00
CA SER A 794 -5.79 -11.16 26.52
C SER A 794 -6.42 -9.92 25.90
N GLY A 795 -7.50 -10.15 25.16
CA GLY A 795 -8.31 -9.09 24.59
C GLY A 795 -8.88 -8.10 25.59
N PRO A 796 -9.64 -8.59 26.59
CA PRO A 796 -10.09 -7.66 27.64
C PRO A 796 -8.96 -7.11 28.50
N THR A 797 -7.82 -7.79 28.60
CA THR A 797 -6.67 -7.24 29.31
C THR A 797 -6.13 -6.00 28.63
N PHE A 798 -6.07 -6.02 27.29
CA PHE A 798 -5.67 -4.83 26.53
C PHE A 798 -6.69 -3.72 26.65
N GLY A 799 -7.95 -4.06 26.90
CA GLY A 799 -8.98 -3.04 27.11
C GLY A 799 -8.87 -2.34 28.46
N ILE A 800 -8.45 -3.07 29.49
CA ILE A 800 -8.28 -2.46 30.81
C ILE A 800 -7.07 -1.53 30.81
N ILE A 801 -6.00 -1.93 30.12
CA ILE A 801 -4.76 -1.15 30.15
C ILE A 801 -4.90 0.13 29.34
N VAL A 802 -5.61 0.07 28.20
CA VAL A 802 -5.73 1.26 27.36
C VAL A 802 -6.70 2.27 27.95
N LYS A 803 -7.59 1.84 28.87
CA LYS A 803 -8.60 2.73 29.43
C LYS A 803 -8.32 3.15 30.86
N HIS A 804 -7.50 2.40 31.60
CA HIS A 804 -7.27 2.67 33.01
C HIS A 804 -5.81 2.73 33.41
N PHE A 805 -4.88 2.29 32.57
CA PHE A 805 -3.45 2.38 32.82
C PHE A 805 -2.76 3.02 31.63
N PRO A 806 -2.97 4.32 31.40
CA PRO A 806 -2.48 4.92 30.15
C PRO A 806 -0.98 5.16 30.12
N LYS A 807 -0.34 5.30 31.27
CA LYS A 807 1.11 5.48 31.32
C LYS A 807 1.87 4.17 31.36
N LEU A 808 1.18 3.06 31.62
CA LEU A 808 1.77 1.72 31.58
C LEU A 808 1.66 1.09 30.21
N LEU A 809 0.89 1.70 29.31
CA LEU A 809 0.70 1.15 27.98
C LEU A 809 1.94 1.14 27.07
N PRO A 810 2.83 2.16 27.04
CA PRO A 810 4.02 2.02 26.18
C PRO A 810 5.01 0.99 26.65
N LYS A 811 5.08 0.70 27.96
CA LYS A 811 5.97 -0.34 28.46
C LYS A 811 5.53 -1.73 28.04
N VAL A 812 4.25 -1.91 27.70
CA VAL A 812 3.73 -3.21 27.29
C VAL A 812 3.90 -3.41 25.79
N LEU A 813 3.69 -2.36 25.01
CA LEU A 813 3.74 -2.46 23.55
C LEU A 813 5.16 -2.58 23.00
N VAL A 814 6.18 -2.18 23.76
CA VAL A 814 7.55 -2.36 23.29
C VAL A 814 8.06 -3.77 23.52
N GLN A 815 7.35 -4.58 24.31
CA GLN A 815 7.82 -5.93 24.60
C GLN A 815 6.70 -6.96 24.64
N GLY A 816 5.50 -6.64 24.18
CA GLY A 816 4.43 -7.63 24.05
C GLY A 816 4.51 -8.34 22.73
N THR A 817 4.44 -9.66 22.75
CA THR A 817 4.56 -10.43 21.52
C THR A 817 3.31 -11.23 21.20
N VAL A 818 2.54 -11.61 22.21
CA VAL A 818 1.30 -12.34 21.96
C VAL A 818 0.10 -11.53 22.38
N PHE A 819 -0.82 -11.28 21.46
CA PHE A 819 -2.05 -10.59 21.82
C PHE A 819 -3.13 -11.56 21.42
N ALA A 820 -4.02 -11.88 22.35
CA ALA A 820 -5.03 -12.89 22.07
C ALA A 820 -6.44 -12.42 22.31
N ARG A 821 -7.41 -13.21 21.90
CA ARG A 821 -8.83 -12.86 22.08
C ARG A 821 -9.12 -11.42 21.66
N MET A 822 -8.46 -10.97 20.61
CA MET A 822 -8.57 -9.59 20.17
C MET A 822 -9.79 -9.43 19.28
N ALA A 823 -10.61 -8.44 19.59
CA ALA A 823 -11.76 -8.11 18.77
C ALA A 823 -11.28 -7.51 17.45
N PRO A 824 -12.08 -7.63 16.37
CA PRO A 824 -11.67 -7.04 15.09
C PRO A 824 -11.57 -5.52 15.07
N GLU A 825 -12.06 -4.83 16.11
CA GLU A 825 -11.77 -3.42 16.31
C GLU A 825 -10.63 -3.20 17.29
N GLN A 826 -10.28 -4.21 18.09
CA GLN A 826 -9.13 -4.12 18.97
C GLN A 826 -7.82 -4.44 18.25
N LYS A 827 -7.87 -5.19 17.16
CA LYS A 827 -6.71 -5.35 16.30
C LYS A 827 -6.34 -4.02 15.65
N THR A 828 -7.35 -3.25 15.25
CA THR A 828 -7.12 -1.94 14.64
C THR A 828 -6.54 -0.96 15.64
N GLU A 829 -6.99 -1.05 16.89
CA GLU A 829 -6.51 -0.17 17.94
C GLU A 829 -5.04 -0.44 18.26
N LEU A 830 -4.63 -1.71 18.20
CA LEU A 830 -3.24 -2.06 18.50
C LEU A 830 -2.28 -1.52 17.45
N VAL A 831 -2.67 -1.60 16.17
CA VAL A 831 -1.85 -1.06 15.09
C VAL A 831 -1.71 0.45 15.23
N CYS A 832 -2.79 1.13 15.58
CA CYS A 832 -2.75 2.57 15.72
C CYS A 832 -2.02 3.01 16.98
N GLU A 833 -1.98 2.16 18.01
CA GLU A 833 -1.19 2.47 19.19
C GLU A 833 0.30 2.19 18.99
N LEU A 834 0.65 1.23 18.12
CA LEU A 834 2.06 0.96 17.86
C LEU A 834 2.68 2.04 16.98
N GLN A 835 1.90 2.61 16.05
CA GLN A 835 2.40 3.69 15.22
C GLN A 835 2.60 4.97 15.99
N LYS A 836 1.92 5.15 17.13
CA LYS A 836 2.17 6.31 17.96
C LYS A 836 3.44 6.20 18.78
N LEU A 837 4.06 5.02 18.83
CA LEU A 837 5.40 4.85 19.34
C LEU A 837 6.46 5.01 18.24
N GLN A 838 6.05 5.56 17.09
CA GLN A 838 6.90 5.80 15.92
C GLN A 838 7.51 4.51 15.37
N TYR A 839 6.79 3.40 15.48
CA TYR A 839 7.09 2.22 14.71
C TYR A 839 6.68 2.40 13.26
N CYS A 840 7.15 1.49 12.42
CA CYS A 840 6.69 1.37 11.04
C CYS A 840 6.14 -0.05 10.92
N VAL A 841 4.88 -0.21 11.29
CA VAL A 841 4.34 -1.56 11.47
C VAL A 841 3.92 -2.13 10.13
N GLY A 842 4.03 -3.46 10.03
CA GLY A 842 3.39 -4.20 8.98
C GLY A 842 2.17 -4.93 9.53
N MET A 843 1.51 -5.67 8.63
CA MET A 843 0.35 -6.46 9.02
C MET A 843 0.14 -7.50 7.94
N CYS A 844 0.30 -8.77 8.29
CA CYS A 844 -0.03 -9.88 7.41
C CYS A 844 -1.24 -10.59 8.00
N GLY A 845 -2.34 -10.56 7.29
CA GLY A 845 -3.53 -11.17 7.81
C GLY A 845 -4.28 -11.99 6.78
N ASP A 846 -5.49 -12.39 7.16
CA ASP A 846 -6.35 -13.19 6.30
C ASP A 846 -7.77 -13.04 6.83
N GLY A 847 -8.69 -12.74 5.95
CA GLY A 847 -10.09 -12.72 6.34
C GLY A 847 -10.57 -11.38 6.84
N ALA A 848 -11.82 -11.42 7.31
CA ALA A 848 -12.59 -10.21 7.54
C ALA A 848 -12.22 -9.51 8.84
N ASN A 849 -11.72 -10.25 9.83
CA ASN A 849 -11.42 -9.61 11.11
C ASN A 849 -10.14 -8.78 11.06
N ASP A 850 -9.33 -8.92 10.03
CA ASP A 850 -8.09 -8.19 9.88
C ASP A 850 -8.21 -6.96 9.00
N CYS A 851 -9.43 -6.64 8.53
CA CYS A 851 -9.60 -5.59 7.53
C CYS A 851 -9.30 -4.21 8.10
N GLY A 852 -9.68 -3.97 9.36
CA GLY A 852 -9.33 -2.70 9.98
C GLY A 852 -7.86 -2.58 10.30
N ALA A 853 -7.20 -3.71 10.54
CA ALA A 853 -5.77 -3.67 10.85
C ALA A 853 -4.92 -3.56 9.60
N LEU A 854 -5.37 -4.14 8.48
CA LEU A 854 -4.62 -4.02 7.23
C LEU A 854 -4.65 -2.59 6.70
N LYS A 855 -5.78 -1.88 6.87
CA LYS A 855 -5.85 -0.50 6.41
C LYS A 855 -5.01 0.42 7.29
N ALA A 856 -5.07 0.23 8.60
CA ALA A 856 -4.39 1.12 9.52
C ALA A 856 -2.87 0.97 9.50
N ALA A 857 -2.36 -0.14 8.97
CA ALA A 857 -0.93 -0.38 8.99
C ALA A 857 -0.24 0.40 7.87
N ASP A 858 1.08 0.58 8.04
CA ASP A 858 1.87 1.21 6.99
C ASP A 858 2.00 0.29 5.78
N VAL A 859 2.14 -1.02 6.04
CA VAL A 859 2.20 -2.04 5.00
C VAL A 859 1.25 -3.15 5.41
N GLY A 860 0.20 -3.36 4.63
CA GLY A 860 -0.73 -4.46 4.84
C GLY A 860 -0.60 -5.46 3.71
N ILE A 861 -0.58 -6.74 4.07
CA ILE A 861 -0.50 -7.82 3.10
C ILE A 861 -1.65 -8.77 3.35
N SER A 862 -2.44 -9.01 2.33
CA SER A 862 -3.57 -9.93 2.38
C SER A 862 -3.22 -11.19 1.59
N LEU A 863 -3.61 -12.34 2.12
CA LEU A 863 -3.12 -13.61 1.61
C LEU A 863 -4.16 -14.34 0.78
N SER A 864 -3.67 -15.06 -0.23
CA SER A 864 -4.41 -16.07 -1.00
C SER A 864 -5.62 -15.50 -1.72
N GLN A 865 -5.36 -14.54 -2.61
CA GLN A 865 -6.37 -13.85 -3.41
C GLN A 865 -5.94 -13.67 -4.88
N ALA A 866 -6.90 -13.47 -5.76
CA ALA A 866 -6.63 -13.25 -7.19
C ALA A 866 -6.57 -11.76 -7.58
N GLU A 867 -5.62 -11.40 -8.44
CA GLU A 867 -5.38 -10.03 -8.91
C GLU A 867 -5.15 -9.15 -7.70
N ALA A 868 -5.74 -7.95 -7.60
CA ALA A 868 -5.52 -7.28 -6.33
C ALA A 868 -6.81 -6.69 -5.79
N SER A 869 -7.16 -7.10 -4.57
CA SER A 869 -8.35 -6.60 -3.90
C SER A 869 -8.18 -5.17 -3.40
N VAL A 870 -9.29 -4.46 -3.31
CA VAL A 870 -9.34 -3.08 -2.81
C VAL A 870 -9.02 -2.96 -1.33
N VAL A 871 -9.18 -4.05 -0.61
CA VAL A 871 -8.99 -4.12 0.84
C VAL A 871 -7.60 -3.80 1.37
N SER A 872 -6.56 -4.25 0.69
CA SER A 872 -5.20 -4.01 1.18
C SER A 872 -4.28 -3.38 0.14
N PRO A 873 -3.28 -2.65 0.62
CA PRO A 873 -2.31 -2.00 -0.26
C PRO A 873 -1.55 -3.05 -1.05
N PHE A 874 -1.15 -4.12 -0.38
CA PHE A 874 -0.44 -5.21 -1.03
C PHE A 874 -1.30 -6.43 -0.86
N THR A 875 -1.65 -7.11 -1.95
CA THR A 875 -2.43 -8.32 -1.82
C THR A 875 -1.62 -9.46 -2.40
N SER A 876 -1.10 -10.31 -1.53
CA SER A 876 -0.33 -11.46 -1.96
C SER A 876 -1.26 -12.59 -2.31
N SER A 877 -0.79 -13.49 -3.17
CA SER A 877 -1.60 -14.64 -3.51
C SER A 877 -0.69 -15.85 -3.36
N MET A 878 -0.26 -16.11 -2.13
CA MET A 878 0.60 -17.26 -1.88
C MET A 878 0.10 -18.21 -0.81
N ALA A 879 -0.79 -17.75 0.07
CA ALA A 879 -1.26 -18.49 1.26
C ALA A 879 -0.09 -18.93 2.14
N SER A 880 0.88 -18.04 2.31
CA SER A 880 2.03 -18.28 3.16
C SER A 880 2.54 -16.93 3.63
N ILE A 881 3.29 -16.93 4.74
CA ILE A 881 3.82 -15.69 5.27
C ILE A 881 5.21 -15.43 4.68
N GLU A 882 5.62 -16.23 3.71
CA GLU A 882 6.91 -16.02 3.08
C GLU A 882 6.89 -14.88 2.06
N CYS A 883 5.72 -14.30 1.80
CA CYS A 883 5.63 -13.05 1.06
C CYS A 883 5.91 -11.83 1.92
N VAL A 884 6.03 -11.99 3.23
CA VAL A 884 6.34 -10.88 4.13
C VAL A 884 7.82 -10.52 4.06
N PRO A 885 8.80 -11.45 4.05
CA PRO A 885 10.17 -10.99 3.78
C PRO A 885 10.41 -10.61 2.33
N MET A 886 9.57 -11.03 1.39
CA MET A 886 9.76 -10.61 0.00
C MET A 886 9.49 -9.12 -0.18
N VAL A 887 8.52 -8.59 0.56
CA VAL A 887 8.20 -7.16 0.48
C VAL A 887 9.26 -6.33 1.18
N ILE A 888 9.82 -6.86 2.27
CA ILE A 888 10.91 -6.17 2.96
C ILE A 888 12.16 -6.17 2.10
N ARG A 889 12.40 -7.25 1.38
CA ARG A 889 13.63 -7.40 0.61
C ARG A 889 13.55 -6.64 -0.70
N GLU A 890 12.38 -6.61 -1.32
CA GLU A 890 12.15 -5.73 -2.46
C GLU A 890 12.10 -4.28 -2.03
N GLY A 891 11.58 -4.01 -0.84
CA GLY A 891 11.50 -2.66 -0.34
C GLY A 891 12.84 -2.05 0.02
N ARG A 892 13.83 -2.89 0.35
CA ARG A 892 15.16 -2.36 0.65
C ARG A 892 15.96 -2.07 -0.61
N CYS A 893 15.81 -2.86 -1.68
CA CYS A 893 16.61 -2.59 -2.86
C CYS A 893 16.06 -1.40 -3.63
N SER A 894 14.74 -1.22 -3.64
CA SER A 894 14.14 -0.06 -4.29
C SER A 894 14.44 1.21 -3.52
N LEU A 895 14.69 1.10 -2.23
CA LEU A 895 15.16 2.25 -1.47
C LEU A 895 16.67 2.44 -1.61
N ASP A 896 17.36 1.48 -2.22
CA ASP A 896 18.78 1.59 -2.52
C ASP A 896 19.06 1.88 -3.98
N THR A 897 18.24 1.36 -4.90
CA THR A 897 18.40 1.73 -6.31
C THR A 897 17.76 3.06 -6.64
N SER A 898 17.10 3.71 -5.68
CA SER A 898 16.66 5.08 -5.84
C SER A 898 17.72 6.07 -5.40
N PHE A 899 18.45 5.73 -4.33
CA PHE A 899 19.56 6.57 -3.90
C PHE A 899 20.75 6.43 -4.82
N SER A 900 20.84 5.34 -5.59
CA SER A 900 21.91 5.20 -6.57
C SER A 900 21.67 6.09 -7.77
N VAL A 901 20.43 6.18 -8.24
CA VAL A 901 20.09 7.07 -9.35
C VAL A 901 20.20 8.53 -8.92
N PHE A 902 19.87 8.83 -7.66
CA PHE A 902 20.10 10.17 -7.12
C PHE A 902 21.57 10.53 -7.09
N LYS A 903 22.42 9.61 -6.63
CA LYS A 903 23.85 9.89 -6.61
C LYS A 903 24.44 9.93 -8.01
N TYR A 904 23.89 9.12 -8.93
CA TYR A 904 24.45 9.10 -10.28
C TYR A 904 24.19 10.41 -11.01
N MET A 905 22.93 10.84 -11.07
CA MET A 905 22.58 12.10 -11.73
C MET A 905 23.20 13.30 -11.06
N ALA A 906 23.52 13.23 -9.76
CA ALA A 906 24.31 14.27 -9.14
C ALA A 906 25.75 14.22 -9.60
N LEU A 907 26.35 13.02 -9.60
CA LEU A 907 27.69 12.85 -10.16
C LEU A 907 27.70 13.00 -11.67
N TYR A 908 26.56 12.82 -12.33
CA TYR A 908 26.51 13.03 -13.77
C TYR A 908 26.53 14.51 -14.11
N SER A 909 25.60 15.27 -13.54
CA SER A 909 25.51 16.68 -13.86
C SER A 909 26.80 17.40 -13.53
N LEU A 910 27.39 17.10 -12.38
CA LEU A 910 28.62 17.76 -11.97
C LEU A 910 29.79 17.48 -12.91
N THR A 911 29.91 16.25 -13.37
CA THR A 911 30.99 15.91 -14.29
C THR A 911 30.90 16.75 -15.56
N GLN A 912 29.71 16.84 -16.14
CA GLN A 912 29.58 17.57 -17.40
C GLN A 912 29.66 19.07 -17.16
N PHE A 913 29.32 19.51 -15.95
CA PHE A 913 29.45 20.92 -15.59
C PHE A 913 30.89 21.34 -15.49
N ILE A 914 31.74 20.51 -14.89
CA ILE A 914 33.17 20.82 -14.81
C ILE A 914 33.84 20.64 -16.18
N SER A 915 33.35 19.71 -16.99
CA SER A 915 33.90 19.48 -18.32
C SER A 915 33.61 20.62 -19.29
N VAL A 916 32.79 21.59 -18.91
CA VAL A 916 32.52 22.76 -19.72
C VAL A 916 33.27 23.94 -19.11
N LEU A 917 33.42 23.95 -17.78
CA LEU A 917 34.21 24.96 -17.10
C LEU A 917 35.68 24.92 -17.49
N ILE A 918 36.20 23.73 -17.82
CA ILE A 918 37.56 23.64 -18.34
C ILE A 918 37.61 24.14 -19.78
N LEU A 919 36.47 24.13 -20.47
CA LEU A 919 36.42 24.50 -21.88
C LEU A 919 35.75 25.84 -22.14
N TYR A 920 35.19 26.48 -21.11
CA TYR A 920 34.84 27.90 -21.24
C TYR A 920 36.06 28.78 -21.08
N THR A 921 36.94 28.46 -20.14
CA THR A 921 38.29 28.98 -20.24
C THR A 921 38.97 28.29 -21.42
N ILE A 922 39.85 29.04 -22.09
CA ILE A 922 40.48 28.77 -23.39
C ILE A 922 39.49 28.74 -24.55
N ASN A 923 38.21 29.10 -24.31
CA ASN A 923 37.24 29.48 -25.35
C ASN A 923 36.95 28.36 -26.34
N THR A 924 36.79 27.14 -25.84
CA THR A 924 36.73 25.96 -26.70
C THR A 924 35.61 25.02 -26.27
N ASN A 925 34.38 25.57 -26.15
CA ASN A 925 33.20 24.86 -25.68
C ASN A 925 32.93 23.58 -26.47
N LEU A 926 32.30 22.62 -25.80
CA LEU A 926 32.13 21.25 -26.26
C LEU A 926 31.23 21.20 -27.49
N GLY A 927 31.34 20.11 -28.24
CA GLY A 927 30.78 20.03 -29.58
C GLY A 927 29.26 19.92 -29.59
N ASP A 928 28.66 19.59 -30.73
CA ASP A 928 27.19 19.40 -30.73
C ASP A 928 26.81 17.94 -30.65
N LEU A 929 27.33 17.16 -31.58
CA LEU A 929 27.07 15.73 -31.56
C LEU A 929 27.68 15.12 -30.31
N GLN A 930 28.79 15.67 -29.82
CA GLN A 930 29.38 15.18 -28.59
C GLN A 930 28.43 15.36 -27.42
N PHE A 931 27.81 16.53 -27.32
CA PHE A 931 26.85 16.78 -26.25
C PHE A 931 25.71 15.79 -26.42
N LEU A 932 25.28 15.59 -27.66
CA LEU A 932 24.15 14.69 -27.88
C LEU A 932 24.48 13.29 -27.38
N ALA A 933 25.67 12.80 -27.71
CA ALA A 933 26.07 11.45 -27.31
C ALA A 933 26.18 11.33 -25.81
N ILE A 934 26.73 12.36 -25.18
CA ILE A 934 26.85 12.34 -23.74
C ILE A 934 25.49 12.28 -23.08
N ASP A 935 24.51 13.04 -23.56
CA ASP A 935 23.22 13.06 -22.86
C ASP A 935 22.22 12.01 -23.27
N LEU A 936 22.19 11.66 -24.55
CA LEU A 936 21.20 10.73 -25.07
C LEU A 936 21.70 9.29 -25.10
N VAL A 937 22.83 9.06 -25.77
CA VAL A 937 23.23 7.68 -26.07
C VAL A 937 23.85 7.02 -24.85
N ILE A 938 24.78 7.71 -24.18
CA ILE A 938 25.47 7.09 -23.06
C ILE A 938 24.61 7.09 -21.81
N THR A 939 24.11 8.26 -21.40
CA THR A 939 23.61 8.42 -20.04
C THR A 939 22.21 7.85 -19.86
N THR A 940 21.33 8.05 -20.85
CA THR A 940 19.97 7.54 -20.75
C THR A 940 19.94 6.02 -20.80
N THR A 941 20.88 5.40 -21.52
CA THR A 941 20.95 3.95 -21.58
C THR A 941 21.36 3.36 -20.22
N VAL A 942 22.28 4.01 -19.53
CA VAL A 942 22.78 3.49 -18.26
C VAL A 942 22.01 4.07 -17.07
N ALA A 943 20.87 4.69 -17.30
CA ALA A 943 19.96 5.08 -16.24
C ALA A 943 18.62 4.37 -16.32
N VAL A 944 18.12 4.10 -17.52
CA VAL A 944 16.94 3.26 -17.68
C VAL A 944 17.25 1.81 -17.31
N LEU A 945 18.39 1.29 -17.76
CA LEU A 945 18.78 -0.08 -17.49
C LEU A 945 19.43 -0.27 -16.13
N MET A 946 19.65 0.81 -15.38
CA MET A 946 20.44 0.77 -14.16
C MET A 946 19.69 0.09 -13.02
N SER A 947 18.37 0.22 -12.98
CA SER A 947 17.55 -0.23 -11.86
C SER A 947 16.80 -1.52 -12.18
N ARG A 948 17.30 -2.31 -13.11
CA ARG A 948 16.68 -3.55 -13.51
C ARG A 948 17.17 -4.74 -12.68
N THR A 949 18.11 -4.52 -11.77
CA THR A 949 18.93 -5.56 -11.15
C THR A 949 18.17 -6.61 -10.35
N GLY A 950 17.54 -6.23 -9.25
CA GLY A 950 16.83 -7.18 -8.43
C GLY A 950 17.28 -7.18 -6.99
N PRO A 951 16.41 -7.59 -6.09
CA PRO A 951 16.75 -7.59 -4.66
C PRO A 951 17.64 -8.77 -4.31
N ALA A 952 18.13 -8.76 -3.07
CA ALA A 952 19.00 -9.82 -2.60
C ALA A 952 18.20 -11.08 -2.30
N LEU A 953 18.86 -12.05 -1.70
CA LEU A 953 18.22 -13.31 -1.37
C LEU A 953 18.09 -13.54 0.12
N VAL A 954 18.85 -12.82 0.94
CA VAL A 954 18.88 -12.99 2.38
C VAL A 954 18.82 -11.61 3.03
N LEU A 955 17.92 -11.44 3.99
CA LEU A 955 17.87 -10.21 4.77
C LEU A 955 19.03 -10.14 5.76
N GLY A 956 19.40 -8.92 6.13
CA GLY A 956 20.42 -8.71 7.13
C GLY A 956 19.98 -7.57 8.05
N ARG A 957 20.72 -7.37 9.14
CA ARG A 957 20.30 -6.39 10.14
C ARG A 957 20.90 -5.00 9.88
N VAL A 958 20.81 -4.54 8.64
CA VAL A 958 21.21 -3.19 8.27
C VAL A 958 20.11 -2.58 7.41
N ARG A 959 19.72 -1.40 7.73
CA ARG A 959 18.65 -0.75 7.01
C ARG A 959 19.21 0.23 6.00
N PRO A 960 18.48 0.51 4.92
CA PRO A 960 18.89 1.59 4.02
C PRO A 960 18.82 2.91 4.74
N PRO A 961 19.71 3.86 4.39
CA PRO A 961 19.93 5.02 5.27
C PRO A 961 18.80 6.02 5.31
N GLY A 962 18.01 6.14 4.24
CA GLY A 962 16.84 7.00 4.28
C GLY A 962 17.13 8.48 4.25
N ALA A 963 18.36 8.89 3.97
CA ALA A 963 18.71 10.30 3.94
C ALA A 963 19.82 10.51 2.93
N LEU A 964 19.58 11.38 1.96
CA LEU A 964 20.60 11.67 0.95
C LEU A 964 21.73 12.48 1.53
N LEU A 965 21.44 13.70 2.00
CA LEU A 965 22.48 14.61 2.46
C LEU A 965 22.93 14.13 3.83
N SER A 966 23.89 13.21 3.83
CA SER A 966 24.54 12.71 5.03
C SER A 966 26.04 12.63 4.76
N VAL A 967 26.80 12.47 5.83
CA VAL A 967 28.27 12.41 5.73
C VAL A 967 28.81 11.17 5.00
N PRO A 968 28.17 9.98 4.90
CA PRO A 968 28.74 8.97 4.01
C PRO A 968 28.45 9.22 2.53
N VAL A 969 27.58 10.16 2.19
CA VAL A 969 27.20 10.41 0.81
C VAL A 969 27.90 11.64 0.25
N LEU A 970 27.96 12.72 1.02
CA LEU A 970 28.69 13.90 0.59
C LEU A 970 30.19 13.65 0.54
N SER A 971 30.69 12.75 1.38
CA SER A 971 32.09 12.36 1.29
C SER A 971 32.35 11.48 0.07
N SER A 972 31.33 10.80 -0.43
CA SER A 972 31.46 10.11 -1.71
C SER A 972 31.48 11.10 -2.86
N LEU A 973 30.50 12.00 -2.89
CA LEU A 973 30.38 12.97 -3.99
C LEU A 973 31.50 14.00 -3.99
N LEU A 974 32.14 14.28 -2.85
CA LEU A 974 33.30 15.15 -2.88
C LEU A 974 34.51 14.41 -3.43
N LEU A 975 34.77 13.21 -2.92
CA LEU A 975 35.99 12.51 -3.29
C LEU A 975 35.91 11.80 -4.64
N GLN A 976 34.71 11.48 -5.11
CA GLN A 976 34.60 10.98 -6.49
C GLN A 976 34.86 12.07 -7.50
N MET A 977 34.62 13.34 -7.13
CA MET A 977 34.80 14.43 -8.07
C MET A 977 36.14 15.14 -7.96
N VAL A 978 36.84 14.96 -6.85
CA VAL A 978 38.20 15.46 -6.79
C VAL A 978 38.96 14.64 -7.84
N LEU A 979 38.70 13.33 -7.89
CA LEU A 979 39.28 12.41 -8.84
C LEU A 979 38.87 12.72 -10.27
N VAL A 980 37.62 13.09 -10.47
CA VAL A 980 37.12 13.40 -11.81
C VAL A 980 37.84 14.58 -12.44
N THR A 981 38.08 15.61 -11.64
CA THR A 981 38.83 16.79 -12.09
C THR A 981 40.32 16.51 -12.20
N GLY A 982 40.83 15.56 -11.41
CA GLY A 982 42.24 15.22 -11.50
C GLY A 982 42.60 14.52 -12.79
N VAL A 983 41.70 13.67 -13.30
CA VAL A 983 41.98 12.95 -14.54
C VAL A 983 41.46 13.70 -15.76
N GLN A 984 40.85 14.86 -15.60
CA GLN A 984 40.57 15.75 -16.72
C GLN A 984 41.59 16.86 -16.84
N LEU A 985 41.94 17.52 -15.73
CA LEU A 985 43.03 18.49 -15.77
C LEU A 985 44.36 17.81 -16.00
N GLY A 986 44.60 16.67 -15.34
CA GLY A 986 45.83 15.93 -15.55
C GLY A 986 45.95 15.32 -16.93
N GLY A 987 44.83 15.05 -17.58
CA GLY A 987 44.86 14.63 -18.96
C GLY A 987 44.87 15.78 -19.94
N TYR A 988 44.72 17.01 -19.45
CA TYR A 988 44.80 18.22 -20.26
C TYR A 988 46.14 18.91 -20.17
N PHE A 989 46.72 19.02 -18.98
CA PHE A 989 48.05 19.59 -18.84
C PHE A 989 49.12 18.69 -19.43
N LEU A 990 48.83 17.40 -19.62
CA LEU A 990 49.81 16.50 -20.18
C LEU A 990 49.85 16.59 -21.71
N THR A 991 48.72 16.88 -22.36
CA THR A 991 48.75 17.06 -23.80
C THR A 991 49.24 18.44 -24.21
N LEU A 992 49.34 19.38 -23.27
CA LEU A 992 49.98 20.66 -23.58
C LEU A 992 51.48 20.49 -23.75
N ALA A 993 52.07 19.51 -23.08
CA ALA A 993 53.51 19.29 -23.08
C ALA A 993 53.94 18.25 -24.11
N GLN A 994 53.22 18.14 -25.21
CA GLN A 994 53.61 17.21 -26.26
C GLN A 994 54.20 17.97 -27.45
N PRO A 995 55.17 17.39 -28.16
CA PRO A 995 55.84 18.17 -29.22
C PRO A 995 55.00 18.38 -30.47
N TRP A 996 54.05 17.49 -30.77
CA TRP A 996 53.20 17.66 -31.95
C TRP A 996 52.00 18.56 -31.69
N PHE A 997 51.93 19.18 -30.51
CA PHE A 997 50.75 19.92 -30.09
C PHE A 997 50.80 21.35 -30.62
N VAL A 998 49.71 21.77 -31.25
CA VAL A 998 49.51 23.18 -31.59
C VAL A 998 48.30 23.68 -30.81
N PRO A 999 48.34 24.90 -30.29
CA PRO A 999 47.20 25.42 -29.52
C PRO A 999 46.03 25.76 -30.44
N LEU A 1000 44.92 26.13 -29.81
CA LEU A 1000 43.69 26.39 -30.54
C LEU A 1000 43.64 27.85 -30.99
N ASN A 1001 43.00 28.07 -32.13
CA ASN A 1001 42.79 29.42 -32.64
C ASN A 1001 41.71 30.08 -31.79
N ARG A 1002 42.15 30.87 -30.81
CA ARG A 1002 41.22 31.44 -29.83
C ARG A 1002 40.36 32.53 -30.44
N THR A 1003 40.88 33.28 -31.40
CA THR A 1003 40.17 34.43 -31.94
C THR A 1003 39.27 34.05 -33.12
N VAL A 1004 38.41 33.05 -32.95
CA VAL A 1004 37.39 32.79 -33.97
C VAL A 1004 36.02 32.89 -33.33
N ALA A 1005 35.73 31.93 -32.44
CA ALA A 1005 34.44 31.76 -31.75
C ALA A 1005 34.57 30.59 -30.79
N ALA A 1006 33.53 30.30 -30.03
CA ALA A 1006 33.54 29.03 -29.30
C ALA A 1006 33.07 27.83 -30.14
N PRO A 1007 31.91 27.85 -30.89
CA PRO A 1007 31.52 26.60 -31.56
C PRO A 1007 31.88 26.49 -33.03
N ASP A 1008 32.39 27.57 -33.63
CA ASP A 1008 32.33 27.71 -35.08
C ASP A 1008 33.39 26.86 -35.79
N ASN A 1009 34.66 27.17 -35.57
CA ASN A 1009 35.74 26.60 -36.37
C ASN A 1009 36.78 25.96 -35.49
N LEU A 1010 36.37 25.15 -34.52
CA LEU A 1010 37.29 24.51 -33.59
C LEU A 1010 37.01 23.01 -33.43
N PRO A 1011 37.53 22.17 -34.36
CA PRO A 1011 37.85 20.77 -33.98
C PRO A 1011 39.28 20.65 -33.48
N ASN A 1012 39.52 21.14 -32.27
CA ASN A 1012 40.87 21.30 -31.76
C ASN A 1012 41.29 20.13 -30.88
N TYR A 1013 42.56 20.15 -30.46
CA TYR A 1013 43.09 19.08 -29.60
C TYR A 1013 42.54 19.18 -28.19
N GLU A 1014 42.23 20.38 -27.73
CA GLU A 1014 41.75 20.59 -26.37
C GLU A 1014 40.36 20.00 -26.15
N ASN A 1015 39.60 19.79 -27.22
CA ASN A 1015 38.30 19.15 -27.12
C ASN A 1015 38.42 17.64 -27.15
N THR A 1016 39.32 17.11 -27.97
CA THR A 1016 39.40 15.67 -28.16
C THR A 1016 39.99 14.97 -26.93
N VAL A 1017 40.98 15.60 -26.29
CA VAL A 1017 41.56 14.99 -25.08
C VAL A 1017 40.68 15.15 -23.86
N VAL A 1018 39.65 15.99 -23.92
CA VAL A 1018 38.71 16.13 -22.82
C VAL A 1018 37.45 15.31 -23.06
N PHE A 1019 36.91 15.33 -24.29
CA PHE A 1019 35.72 14.53 -24.60
C PHE A 1019 35.99 13.04 -24.48
N SER A 1020 37.17 12.59 -24.90
CA SER A 1020 37.51 11.18 -24.76
C SER A 1020 37.69 10.80 -23.29
N LEU A 1021 38.29 11.69 -22.50
CA LEU A 1021 38.50 11.40 -21.10
C LEU A 1021 37.30 11.75 -20.23
N SER A 1022 36.30 12.44 -20.77
CA SER A 1022 35.08 12.66 -20.00
C SER A 1022 34.01 11.64 -20.32
N SER A 1023 33.98 11.11 -21.54
CA SER A 1023 32.93 10.17 -21.89
C SER A 1023 33.12 8.81 -21.23
N PHE A 1024 34.33 8.49 -20.78
CA PHE A 1024 34.52 7.31 -19.96
C PHE A 1024 34.05 7.52 -18.53
N GLN A 1025 34.02 8.77 -18.04
CA GLN A 1025 33.61 9.04 -16.66
C GLN A 1025 32.15 8.68 -16.43
N TYR A 1026 31.34 8.69 -17.48
CA TYR A 1026 29.93 8.42 -17.32
C TYR A 1026 29.62 6.94 -17.25
N LEU A 1027 30.58 6.09 -17.61
CA LEU A 1027 30.46 4.65 -17.47
C LEU A 1027 31.20 4.12 -16.26
N ILE A 1028 32.26 4.82 -15.83
CA ILE A 1028 32.91 4.47 -14.56
C ILE A 1028 31.96 4.75 -13.40
N LEU A 1029 31.32 5.91 -13.42
CA LEU A 1029 30.40 6.28 -12.37
C LEU A 1029 29.05 5.59 -12.48
N ALA A 1030 28.73 5.03 -13.64
CA ALA A 1030 27.49 4.24 -13.75
C ALA A 1030 27.62 2.90 -13.05
N ALA A 1031 28.83 2.36 -12.99
CA ALA A 1031 29.08 1.08 -12.33
C ALA A 1031 29.67 1.24 -10.94
N ALA A 1032 30.08 2.44 -10.55
CA ALA A 1032 30.63 2.64 -9.23
C ALA A 1032 29.52 2.73 -8.19
N VAL A 1033 28.54 3.61 -8.40
CA VAL A 1033 27.44 3.76 -7.46
C VAL A 1033 26.46 2.60 -7.52
N SER A 1034 26.52 1.76 -8.55
CA SER A 1034 25.64 0.59 -8.67
C SER A 1034 26.20 -0.59 -7.88
N LYS A 1035 26.39 -0.39 -6.58
CA LYS A 1035 26.85 -1.42 -5.68
C LYS A 1035 25.67 -2.04 -4.94
N GLY A 1036 25.65 -3.37 -4.88
CA GLY A 1036 24.52 -4.06 -4.29
C GLY A 1036 24.87 -5.24 -3.41
N ALA A 1037 25.98 -5.16 -2.70
CA ALA A 1037 26.35 -6.27 -1.84
C ALA A 1037 25.49 -6.36 -0.57
N PRO A 1038 25.18 -5.25 0.18
CA PRO A 1038 24.24 -5.43 1.29
C PRO A 1038 22.80 -5.58 0.81
N PHE A 1039 22.41 -4.81 -0.21
CA PHE A 1039 20.99 -4.68 -0.53
C PHE A 1039 20.63 -5.23 -1.90
N ARG A 1040 21.23 -4.76 -3.01
CA ARG A 1040 20.64 -5.17 -4.26
C ARG A 1040 21.09 -6.54 -4.75
N ARG A 1041 22.23 -6.62 -5.43
CA ARG A 1041 22.89 -7.78 -6.07
C ARG A 1041 24.16 -7.20 -6.70
N PRO A 1042 25.16 -8.02 -7.03
CA PRO A 1042 26.24 -7.49 -7.87
C PRO A 1042 25.74 -7.30 -9.30
N LEU A 1043 26.29 -6.29 -9.96
CA LEU A 1043 25.65 -5.75 -11.16
C LEU A 1043 25.84 -6.62 -12.39
N TYR A 1044 26.61 -7.71 -12.32
CA TYR A 1044 26.73 -8.59 -13.48
C TYR A 1044 25.50 -9.46 -13.68
N THR A 1045 24.60 -9.52 -12.70
CA THR A 1045 23.35 -10.26 -12.89
C THR A 1045 22.42 -9.52 -13.85
N ASN A 1046 22.44 -8.19 -13.80
CA ASN A 1046 21.70 -7.36 -14.74
C ASN A 1046 22.39 -7.46 -16.10
N VAL A 1047 21.84 -8.28 -16.97
CA VAL A 1047 22.44 -8.57 -18.28
C VAL A 1047 22.35 -7.38 -19.25
N PRO A 1048 21.23 -6.65 -19.38
CA PRO A 1048 21.31 -5.41 -20.19
C PRO A 1048 22.17 -4.31 -19.60
N PHE A 1049 22.53 -4.39 -18.33
CA PHE A 1049 23.45 -3.43 -17.73
C PHE A 1049 24.90 -3.92 -17.81
N LEU A 1050 25.14 -5.12 -18.35
CA LEU A 1050 26.48 -5.50 -18.78
C LEU A 1050 26.69 -5.32 -20.27
N VAL A 1051 25.69 -5.66 -21.08
CA VAL A 1051 25.83 -5.55 -22.53
C VAL A 1051 25.94 -4.08 -22.94
N ALA A 1052 25.12 -3.22 -22.34
CA ALA A 1052 25.20 -1.79 -22.66
C ALA A 1052 26.47 -1.17 -22.11
N LEU A 1053 26.88 -1.57 -20.90
CA LEU A 1053 28.05 -0.99 -20.27
C LEU A 1053 29.36 -1.52 -20.85
N ALA A 1054 29.32 -2.57 -21.67
CA ALA A 1054 30.50 -3.05 -22.37
C ALA A 1054 30.53 -2.67 -23.84
N LEU A 1055 29.37 -2.60 -24.50
CA LEU A 1055 29.32 -2.06 -25.86
C LEU A 1055 29.64 -0.57 -25.87
N LEU A 1056 29.15 0.17 -24.89
CA LEU A 1056 29.51 1.59 -24.80
C LEU A 1056 30.92 1.81 -24.30
N SER A 1057 31.54 0.80 -23.69
CA SER A 1057 32.97 0.89 -23.37
C SER A 1057 33.84 0.33 -24.48
N SER A 1058 33.26 -0.19 -25.55
CA SER A 1058 34.02 -0.64 -26.71
C SER A 1058 33.93 0.30 -27.88
N VAL A 1059 32.79 0.97 -28.07
CA VAL A 1059 32.70 2.04 -29.06
C VAL A 1059 33.59 3.21 -28.65
N LEU A 1060 33.58 3.56 -27.37
CA LEU A 1060 34.37 4.67 -26.86
C LEU A 1060 35.87 4.40 -26.81
N VAL A 1061 36.30 3.17 -27.05
CA VAL A 1061 37.71 2.89 -27.34
C VAL A 1061 37.99 3.12 -28.82
N GLY A 1062 37.07 2.70 -29.69
CA GLY A 1062 37.18 2.95 -31.11
C GLY A 1062 37.11 4.41 -31.50
N LEU A 1063 36.61 5.27 -30.62
CA LEU A 1063 36.73 6.71 -30.76
C LEU A 1063 38.03 7.26 -30.20
N VAL A 1064 38.93 6.39 -29.72
CA VAL A 1064 40.24 6.84 -29.26
C VAL A 1064 41.31 6.18 -30.09
N LEU A 1065 41.30 4.85 -30.15
CA LEU A 1065 42.36 4.12 -30.84
C LEU A 1065 42.11 4.05 -32.34
N VAL A 1066 41.01 3.41 -32.75
CA VAL A 1066 40.74 3.20 -34.17
C VAL A 1066 40.27 4.47 -34.83
N LEU A 1069 38.21 6.59 -37.03
CA LEU A 1069 37.24 7.14 -36.10
C LEU A 1069 35.97 7.57 -36.82
N LEU A 1070 35.04 8.13 -36.05
CA LEU A 1070 33.94 8.94 -36.56
C LEU A 1070 34.25 10.37 -36.16
N GLN A 1071 35.04 11.05 -36.98
CA GLN A 1071 35.53 12.38 -36.67
C GLN A 1071 34.92 13.46 -37.57
N GLY A 1072 34.21 13.07 -38.62
CA GLY A 1072 33.37 14.00 -39.36
C GLY A 1072 32.24 14.48 -38.46
N PRO A 1073 31.36 13.56 -38.05
CA PRO A 1073 30.54 13.81 -36.88
C PRO A 1073 31.40 13.88 -35.63
N LEU A 1074 30.87 14.58 -34.61
CA LEU A 1074 31.43 14.81 -33.28
C LEU A 1074 32.61 15.78 -33.29
N ALA A 1075 33.10 16.17 -34.46
CA ALA A 1075 34.14 17.20 -34.65
C ALA A 1075 35.42 16.88 -33.88
N LEU A 1076 35.80 15.60 -33.84
CA LEU A 1076 37.00 15.20 -33.14
C LEU A 1076 38.24 15.55 -33.96
N ARG A 1077 39.29 15.98 -33.27
CA ARG A 1077 40.56 16.28 -33.93
C ARG A 1077 41.20 14.97 -34.34
N ASN A 1078 40.97 14.57 -35.59
CA ASN A 1078 41.35 13.24 -36.07
C ASN A 1078 42.85 13.09 -36.26
N ILE A 1079 43.62 14.18 -36.23
CA ILE A 1079 45.06 14.06 -36.40
C ILE A 1079 45.73 13.81 -35.06
N THR A 1080 45.63 12.56 -34.60
CA THR A 1080 46.45 12.00 -33.54
C THR A 1080 46.89 10.64 -34.02
N ASP A 1081 48.20 10.44 -34.18
CA ASP A 1081 48.71 9.25 -34.85
C ASP A 1081 49.74 8.50 -34.04
N THR A 1082 50.18 9.02 -32.91
CA THR A 1082 51.26 8.42 -32.14
C THR A 1082 50.70 7.48 -31.06
N GLY A 1083 51.56 7.05 -30.14
CA GLY A 1083 51.16 6.20 -29.04
C GLY A 1083 50.77 6.98 -27.81
N PHE A 1084 50.27 8.20 -28.02
CA PHE A 1084 49.61 8.99 -27.00
C PHE A 1084 48.22 8.48 -26.71
N LYS A 1085 47.63 7.75 -27.66
CA LYS A 1085 46.34 7.11 -27.45
C LYS A 1085 46.39 6.12 -26.30
N LEU A 1086 47.47 5.33 -26.23
CA LEU A 1086 47.61 4.33 -25.17
C LEU A 1086 47.96 4.94 -23.82
N LEU A 1087 48.36 6.20 -23.77
CA LEU A 1087 48.59 6.84 -22.48
C LEU A 1087 47.31 7.39 -21.89
N LEU A 1088 46.34 7.76 -22.74
CA LEU A 1088 45.04 8.19 -22.22
C LEU A 1088 44.25 7.00 -21.70
N LEU A 1089 44.34 5.85 -22.37
CA LEU A 1089 43.69 4.63 -21.89
C LEU A 1089 44.34 4.10 -20.62
N GLY A 1090 45.60 4.43 -20.37
CA GLY A 1090 46.20 4.15 -19.08
C GLY A 1090 45.88 5.16 -18.02
N LEU A 1091 45.13 6.19 -18.36
CA LEU A 1091 44.63 7.17 -17.39
C LEU A 1091 43.16 6.97 -17.09
N VAL A 1092 42.42 6.39 -18.05
CA VAL A 1092 41.06 5.94 -17.79
C VAL A 1092 41.07 4.75 -16.84
N THR A 1093 42.04 3.84 -17.00
CA THR A 1093 42.17 2.68 -16.12
C THR A 1093 42.57 3.10 -14.71
N LEU A 1094 43.27 4.24 -14.57
CA LEU A 1094 43.54 4.80 -13.26
C LEU A 1094 42.27 5.34 -12.59
N ASN A 1095 41.21 5.57 -13.35
CA ASN A 1095 39.90 5.94 -12.84
C ASN A 1095 38.99 4.73 -12.68
N PHE A 1096 39.10 3.74 -13.58
CA PHE A 1096 38.35 2.50 -13.43
C PHE A 1096 38.77 1.72 -12.19
N VAL A 1097 40.00 1.90 -11.74
CA VAL A 1097 40.46 1.31 -10.49
C VAL A 1097 40.31 2.29 -9.33
N GLY A 1098 40.59 3.57 -9.58
CA GLY A 1098 40.57 4.56 -8.51
C GLY A 1098 39.19 4.95 -8.01
N ALA A 1099 38.13 4.55 -8.71
CA ALA A 1099 36.79 4.81 -8.25
C ALA A 1099 36.19 3.63 -7.50
N PHE A 1100 36.49 2.40 -7.93
CA PHE A 1100 36.07 1.22 -7.19
C PHE A 1100 36.83 1.10 -5.88
N MET A 1101 38.12 1.44 -5.88
CA MET A 1101 38.93 1.32 -4.68
C MET A 1101 38.82 2.52 -3.76
N LEU A 1102 38.02 3.52 -4.10
CA LEU A 1102 37.79 4.66 -3.24
C LEU A 1102 36.51 4.54 -2.43
N GLU A 1103 35.43 4.06 -3.06
CA GLU A 1103 34.20 3.84 -2.32
C GLU A 1103 34.31 2.66 -1.36
N SER A 1104 35.22 1.71 -1.61
CA SER A 1104 35.46 0.64 -0.66
C SER A 1104 36.12 1.16 0.61
N VAL A 1105 36.94 2.20 0.48
CA VAL A 1105 37.48 2.87 1.67
C VAL A 1105 36.38 3.65 2.36
N LEU A 1106 35.54 4.34 1.59
CA LEU A 1106 34.48 5.16 2.16
C LEU A 1106 33.34 4.33 2.76
N ASP A 1107 33.20 3.07 2.36
CA ASP A 1107 32.25 2.20 3.03
C ASP A 1107 32.73 1.79 4.42
N GLN A 1108 34.04 1.84 4.65
CA GLN A 1108 34.62 1.58 5.98
C GLN A 1108 34.87 2.89 6.71
N CYS A 1109 33.78 3.62 6.96
CA CYS A 1109 33.82 4.93 7.60
C CYS A 1109 33.08 4.82 8.93
N LEU A 1110 33.82 4.97 10.03
CA LEU A 1110 33.29 4.86 11.38
C LEU A 1110 33.54 6.18 12.10
N PRO A 1111 32.56 7.07 12.05
CA PRO A 1111 32.67 8.36 12.71
C PRO A 1111 32.52 8.20 14.22
N ALA A 1112 33.38 8.89 14.97
CA ALA A 1112 33.40 8.82 16.43
C ALA A 1112 32.92 10.16 16.97
N CYS A 1113 31.64 10.23 17.33
CA CYS A 1113 31.06 11.44 17.89
C CYS A 1113 30.41 11.15 19.24
N SER A 1123 17.28 7.00 18.92
CA SER A 1123 17.12 7.84 20.11
C SER A 1123 15.92 8.75 19.96
N LYS A 1124 15.75 9.33 18.78
CA LYS A 1124 14.61 10.21 18.53
C LYS A 1124 13.31 9.43 18.64
N LYS A 1125 13.30 8.20 18.14
CA LYS A 1125 12.08 7.40 18.16
C LYS A 1125 11.65 7.09 19.58
N ARG A 1126 10.34 7.16 19.83
CA ARG A 1126 9.83 6.95 21.18
C ARG A 1126 10.12 5.56 21.71
N PHE A 1127 9.95 4.54 20.88
CA PHE A 1127 10.15 3.17 21.34
C PHE A 1127 11.59 2.91 21.78
N LYS A 1128 12.55 3.50 21.09
CA LYS A 1128 13.95 3.29 21.43
C LYS A 1128 14.22 3.79 22.84
N GLN A 1129 13.65 4.94 23.18
CA GLN A 1129 13.83 5.49 24.52
C GLN A 1129 13.24 4.56 25.56
N LEU A 1130 12.06 4.02 25.29
CA LEU A 1130 11.42 3.11 26.22
C LEU A 1130 12.24 1.85 26.42
N GLU A 1131 12.82 1.33 25.34
CA GLU A 1131 13.63 0.13 25.43
C GLU A 1131 14.84 0.38 26.31
N ARG A 1132 15.45 1.55 26.19
CA ARG A 1132 16.58 1.89 27.05
C ARG A 1132 16.17 1.97 28.51
N GLU A 1133 15.02 2.55 28.78
CA GLU A 1133 14.52 2.64 30.15
C GLU A 1133 14.27 1.23 30.67
N LEU A 1134 13.73 0.37 29.84
CA LEU A 1134 13.47 -1.01 30.22
C LEU A 1134 14.74 -1.77 30.56
N ALA A 1135 15.82 -1.46 29.86
CA ALA A 1135 17.09 -2.11 30.15
C ALA A 1135 17.52 -1.80 31.58
N GLU A 1136 17.50 -0.52 31.93
CA GLU A 1136 17.92 -0.12 33.27
C GLU A 1136 17.01 -0.69 34.35
N GLN A 1137 15.70 -0.61 34.16
CA GLN A 1137 14.77 -1.19 35.11
C GLN A 1137 13.78 -2.05 34.36
N PRO A 1138 13.72 -3.35 34.68
CA PRO A 1138 12.71 -4.15 34.00
C PRO A 1138 11.29 -3.80 34.45
N TRP A 1139 10.38 -3.61 33.50
CA TRP A 1139 9.00 -3.26 33.84
C TRP A 1139 8.15 -4.30 34.59
N PRO A 1140 8.23 -5.59 34.22
CA PRO A 1140 7.35 -6.50 34.96
C PRO A 1140 7.60 -6.62 36.47
N PRO A 1141 8.87 -6.67 36.93
CA PRO A 1141 9.02 -6.70 38.38
C PRO A 1141 9.39 -5.33 38.93
#